data_7WOL
#
_entry.id   7WOL
#
_cell.length_a   129.402
_cell.length_b   129.402
_cell.length_c   122.792
_cell.angle_alpha   90.000
_cell.angle_beta   90.000
_cell.angle_gamma   90.000
#
_symmetry.space_group_name_H-M   'P 43 21 2'
#
loop_
_entity.id
_entity.type
_entity.pdbx_description
1 polymer Lipase
2 non-polymer 'SUCCINIC ACID'
3 non-polymer GLYCEROL
4 non-polymer DI(HYDROXYETHYL)ETHER
5 non-polymer 1,2-ETHANEDIOL
6 water water
#
_entity_poly.entity_id   1
_entity_poly.type   'polypeptide(L)'
_entity_poly.pdbx_seq_one_letter_code
;MSVFARLDPELAAALREIPEEFLLDLRDISLARRRLQILREALASLLPPLPSDVAVTDELAPNSFDGTMVRVRLYRPSEV
TGPLPVLLWIHGGGYVMGAPEMNDQQCAELAQRIPALVASVDYRLAPEHPYPAPLEDCYAALRWVAERAEQLGVDRERLA
IAGASAGGGLAAGLALLARDRGEVPVRFQLLIYPMLDDRNQTPSSYEITDPRLIWTRDWNLIGWRAYLGREPGSPDVPPY
AAPARADDLAGLPPAYVLVGTADLFRDEDIAYAQRLMQAGVPTELHVFAGAFHGFDVFAPTAWVSQRANAEVLAVLQRAL
KLAAALEHHHHHH
;
_entity_poly.pdbx_strand_id   A,B
#
# COMPACT_ATOMS: atom_id res chain seq x y z
N SER A 2 -11.17 -20.84 -10.71
CA SER A 2 -11.53 -21.57 -9.46
C SER A 2 -10.33 -21.58 -8.51
N VAL A 3 -9.22 -22.19 -8.91
CA VAL A 3 -7.88 -21.96 -8.29
C VAL A 3 -7.55 -20.46 -8.44
N PHE A 4 -8.01 -19.84 -9.53
CA PHE A 4 -7.75 -18.43 -9.90
C PHE A 4 -8.86 -17.51 -9.41
N ALA A 5 -9.77 -17.99 -8.57
CA ALA A 5 -11.00 -17.27 -8.10
C ALA A 5 -10.66 -15.93 -7.44
N ARG A 6 -9.64 -15.87 -6.60
CA ARG A 6 -9.29 -14.67 -5.80
C ARG A 6 -8.44 -13.70 -6.64
N LEU A 7 -8.20 -13.95 -7.92
CA LEU A 7 -7.22 -13.14 -8.69
C LEU A 7 -7.95 -12.04 -9.46
N ASP A 8 -7.28 -10.92 -9.66
CA ASP A 8 -7.64 -9.93 -10.70
C ASP A 8 -7.82 -10.72 -12.00
N PRO A 9 -8.98 -10.61 -12.68
CA PRO A 9 -9.23 -11.35 -13.92
C PRO A 9 -8.12 -11.29 -14.99
N GLU A 10 -7.46 -10.14 -15.18
CA GLU A 10 -6.31 -10.01 -16.11
C GLU A 10 -5.15 -10.90 -15.64
N LEU A 11 -4.96 -11.04 -14.33
CA LEU A 11 -3.87 -11.88 -13.77
C LEU A 11 -4.27 -13.35 -13.91
N ALA A 12 -5.54 -13.68 -13.73
CA ALA A 12 -6.01 -15.07 -13.90
C ALA A 12 -5.78 -15.52 -15.36
N ALA A 13 -6.02 -14.62 -16.32
CA ALA A 13 -5.87 -14.88 -17.77
C ALA A 13 -4.41 -15.24 -18.06
N ALA A 14 -3.46 -14.46 -17.51
CA ALA A 14 -2.01 -14.68 -17.69
C ALA A 14 -1.64 -16.07 -17.19
N LEU A 15 -2.07 -16.46 -15.98
CA LEU A 15 -1.69 -17.76 -15.34
C LEU A 15 -2.34 -18.96 -16.05
N ARG A 16 -3.55 -18.78 -16.59
CA ARG A 16 -4.27 -19.84 -17.36
C ARG A 16 -3.46 -20.24 -18.59
N GLU A 17 -2.69 -19.30 -19.15
CA GLU A 17 -1.91 -19.51 -20.39
C GLU A 17 -0.66 -20.37 -20.14
N ILE A 18 -0.18 -20.49 -18.90
CA ILE A 18 1.06 -21.26 -18.60
C ILE A 18 0.76 -22.75 -18.62
N PRO A 19 1.42 -23.55 -19.48
CA PRO A 19 1.23 -25.00 -19.46
C PRO A 19 1.66 -25.60 -18.11
N GLU A 20 0.96 -26.64 -17.65
CA GLU A 20 1.21 -27.31 -16.34
C GLU A 20 2.68 -27.73 -16.26
N GLU A 21 3.26 -28.16 -17.39
CA GLU A 21 4.63 -28.75 -17.46
C GLU A 21 5.71 -27.67 -17.29
N PHE A 22 5.36 -26.38 -17.39
CA PHE A 22 6.29 -25.23 -17.22
C PHE A 22 6.39 -24.81 -15.75
N LEU A 23 5.45 -25.28 -14.89
CA LEU A 23 5.37 -24.81 -13.48
C LEU A 23 6.51 -25.42 -12.68
N LEU A 24 6.87 -24.78 -11.57
CA LEU A 24 7.96 -25.24 -10.67
C LEU A 24 7.51 -26.50 -9.93
N ASP A 25 8.41 -27.46 -9.78
CA ASP A 25 8.27 -28.60 -8.84
C ASP A 25 9.50 -28.61 -7.94
N LEU A 26 9.37 -28.12 -6.71
CA LEU A 26 10.52 -27.98 -5.77
C LEU A 26 10.87 -29.31 -5.10
N ARG A 27 10.18 -30.41 -5.41
CA ARG A 27 10.50 -31.73 -4.79
C ARG A 27 11.76 -32.30 -5.44
N ASP A 28 12.17 -31.77 -6.60
CA ASP A 28 13.50 -32.04 -7.20
C ASP A 28 14.16 -30.72 -7.57
N ILE A 29 15.18 -30.30 -6.82
CA ILE A 29 15.78 -28.94 -6.97
C ILE A 29 16.42 -28.81 -8.35
N SER A 30 17.06 -29.86 -8.87
CA SER A 30 17.69 -29.80 -10.23
C SER A 30 16.59 -29.61 -11.29
N LEU A 31 15.46 -30.31 -11.16
CA LEU A 31 14.27 -30.15 -12.04
C LEU A 31 13.72 -28.72 -11.89
N ALA A 32 13.54 -28.25 -10.67
CA ALA A 32 13.07 -26.86 -10.43
C ALA A 32 13.98 -25.88 -11.18
N ARG A 33 15.31 -26.04 -11.13
CA ARG A 33 16.26 -25.09 -11.79
C ARG A 33 16.01 -25.11 -13.32
N ARG A 34 15.66 -26.27 -13.88
CA ARG A 34 15.27 -26.44 -15.32
C ARG A 34 13.92 -25.77 -15.58
N ARG A 35 12.91 -26.05 -14.77
CA ARG A 35 11.56 -25.43 -14.91
C ARG A 35 11.75 -23.90 -14.94
N LEU A 36 12.65 -23.36 -14.10
CA LEU A 36 12.81 -21.89 -14.00
C LEU A 36 13.46 -21.36 -15.29
N GLN A 37 14.47 -22.07 -15.81
CA GLN A 37 15.13 -21.74 -17.09
C GLN A 37 14.08 -21.67 -18.20
N ILE A 38 13.14 -22.61 -18.22
CA ILE A 38 12.03 -22.69 -19.22
C ILE A 38 11.10 -21.49 -19.01
N LEU A 39 10.63 -21.24 -17.78
CA LEU A 39 9.77 -20.07 -17.48
C LEU A 39 10.51 -18.80 -17.89
N ARG A 40 11.78 -18.71 -17.50
CA ARG A 40 12.59 -17.49 -17.74
C ARG A 40 12.57 -17.20 -19.24
N GLU A 41 12.69 -18.24 -20.07
CA GLU A 41 12.67 -18.09 -21.55
C GLU A 41 11.29 -17.64 -22.03
N ALA A 42 10.21 -18.24 -21.52
CA ALA A 42 8.83 -17.86 -21.89
C ALA A 42 8.63 -16.36 -21.61
N LEU A 43 9.05 -15.86 -20.45
CA LEU A 43 8.87 -14.43 -20.07
C LEU A 43 9.72 -13.51 -20.98
N ALA A 44 11.03 -13.75 -21.07
CA ALA A 44 11.98 -12.97 -21.88
C ALA A 44 11.53 -12.92 -23.36
N SER A 45 10.88 -13.97 -23.87
CA SER A 45 10.37 -14.08 -25.26
C SER A 45 9.52 -12.84 -25.62
N LEU A 46 8.75 -12.35 -24.65
CA LEU A 46 7.70 -11.33 -24.88
C LEU A 46 8.26 -9.92 -24.68
N LEU A 47 9.53 -9.79 -24.29
CA LEU A 47 10.14 -8.48 -23.89
C LEU A 47 11.04 -7.98 -25.02
N PRO A 48 11.25 -6.64 -25.11
CA PRO A 48 12.13 -6.08 -26.14
C PRO A 48 13.57 -6.49 -25.84
N PRO A 49 14.54 -6.22 -26.74
CA PRO A 49 15.94 -6.42 -26.40
C PRO A 49 16.36 -5.44 -25.29
N LEU A 50 17.43 -5.77 -24.58
CA LEU A 50 18.01 -4.91 -23.51
C LEU A 50 18.32 -3.56 -24.15
N PRO A 51 18.14 -2.42 -23.46
CA PRO A 51 18.52 -1.13 -24.04
C PRO A 51 19.97 -1.13 -24.54
N SER A 52 20.24 -0.36 -25.59
CA SER A 52 21.58 -0.27 -26.22
C SER A 52 22.47 0.67 -25.41
N ASP A 53 21.90 1.66 -24.69
CA ASP A 53 22.66 2.67 -23.93
C ASP A 53 22.94 2.18 -22.49
N VAL A 54 22.81 0.88 -22.22
CA VAL A 54 23.17 0.29 -20.89
C VAL A 54 24.24 -0.77 -21.10
N ALA A 55 25.41 -0.56 -20.53
CA ALA A 55 26.55 -1.50 -20.58
C ALA A 55 26.38 -2.52 -19.45
N VAL A 56 26.39 -3.80 -19.78
CA VAL A 56 26.27 -4.92 -18.80
C VAL A 56 27.62 -5.62 -18.71
N THR A 57 28.23 -5.66 -17.53
CA THR A 57 29.54 -6.30 -17.30
C THR A 57 29.49 -7.10 -16.00
N ASP A 58 30.48 -7.95 -15.77
CA ASP A 58 30.61 -8.76 -14.55
C ASP A 58 31.89 -8.35 -13.81
N GLU A 59 31.79 -8.10 -12.52
CA GLU A 59 32.97 -7.84 -11.66
C GLU A 59 32.97 -8.85 -10.51
N LEU A 60 34.04 -8.87 -9.73
CA LEU A 60 34.18 -9.80 -8.59
C LEU A 60 34.37 -8.98 -7.30
N ALA A 61 33.64 -9.35 -6.25
CA ALA A 61 33.76 -8.71 -4.91
C ALA A 61 34.33 -9.77 -3.98
N PRO A 62 35.38 -9.43 -3.20
CA PRO A 62 35.95 -10.37 -2.24
C PRO A 62 34.97 -10.57 -1.06
N ASN A 63 34.83 -11.82 -0.62
CA ASN A 63 33.96 -12.19 0.51
C ASN A 63 34.85 -12.78 1.61
N SER A 64 35.11 -12.01 2.65
CA SER A 64 36.00 -12.40 3.78
C SER A 64 35.33 -13.45 4.67
N PHE A 65 34.04 -13.75 4.46
CA PHE A 65 33.38 -14.85 5.19
C PHE A 65 34.19 -16.16 5.02
N ASP A 66 34.54 -16.50 3.78
CA ASP A 66 35.23 -17.77 3.45
C ASP A 66 36.34 -17.56 2.41
N GLY A 67 36.59 -16.31 2.02
CA GLY A 67 37.64 -15.95 1.05
C GLY A 67 37.25 -16.19 -0.41
N THR A 68 35.99 -16.49 -0.70
CA THR A 68 35.50 -16.65 -2.09
C THR A 68 35.35 -15.27 -2.73
N MET A 69 35.08 -15.26 -4.02
CA MET A 69 34.78 -14.02 -4.79
C MET A 69 33.34 -14.15 -5.28
N VAL A 70 32.56 -13.08 -5.12
CA VAL A 70 31.13 -13.01 -5.52
C VAL A 70 31.08 -12.26 -6.85
N ARG A 71 30.44 -12.85 -7.85
CA ARG A 71 30.17 -12.12 -9.11
C ARG A 71 29.10 -11.07 -8.84
N VAL A 72 29.38 -9.85 -9.30
CA VAL A 72 28.45 -8.70 -9.26
C VAL A 72 28.24 -8.25 -10.69
N ARG A 73 26.99 -8.29 -11.17
CA ARG A 73 26.67 -7.92 -12.55
C ARG A 73 26.27 -6.44 -12.54
N LEU A 74 26.98 -5.62 -13.32
CA LEU A 74 26.78 -4.16 -13.35
C LEU A 74 26.00 -3.75 -14.60
N TYR A 75 25.11 -2.81 -14.43
CA TYR A 75 24.28 -2.25 -15.52
C TYR A 75 24.52 -0.75 -15.45
N ARG A 76 25.28 -0.23 -16.39
CA ARG A 76 25.71 1.19 -16.36
C ARG A 76 25.00 1.95 -17.46
N PRO A 77 24.24 3.01 -17.12
CA PRO A 77 23.63 3.87 -18.13
C PRO A 77 24.72 4.80 -18.67
N SER A 78 24.88 4.87 -19.98
CA SER A 78 26.01 5.55 -20.68
C SER A 78 25.84 7.07 -20.66
N GLU A 79 24.60 7.55 -20.82
CA GLU A 79 24.23 8.99 -21.02
C GLU A 79 24.37 9.80 -19.71
N VAL A 80 24.85 9.21 -18.62
CA VAL A 80 25.06 9.94 -17.32
C VAL A 80 26.52 9.79 -16.92
N THR A 81 27.32 10.86 -17.05
CA THR A 81 28.80 10.82 -16.92
C THR A 81 29.23 11.23 -15.49
N GLY A 82 28.37 11.96 -14.77
CA GLY A 82 28.58 12.42 -13.37
C GLY A 82 28.30 11.30 -12.37
N PRO A 83 28.39 11.56 -11.04
CA PRO A 83 28.20 10.50 -10.04
C PRO A 83 26.76 9.96 -10.10
N LEU A 84 26.62 8.65 -10.06
CA LEU A 84 25.32 7.96 -10.10
C LEU A 84 24.97 7.50 -8.70
N PRO A 85 23.68 7.36 -8.38
CA PRO A 85 23.26 6.55 -7.23
C PRO A 85 23.52 5.12 -7.66
N VAL A 86 23.41 4.18 -6.73
CA VAL A 86 23.59 2.74 -7.00
C VAL A 86 22.42 1.99 -6.37
N LEU A 87 21.90 1.02 -7.11
CA LEU A 87 20.89 0.05 -6.63
C LEU A 87 21.54 -1.33 -6.58
N LEU A 88 21.68 -1.89 -5.39
CA LEU A 88 22.09 -3.32 -5.24
C LEU A 88 20.83 -4.17 -5.40
N TRP A 89 20.82 -5.04 -6.41
CA TRP A 89 19.67 -5.90 -6.73
C TRP A 89 19.99 -7.32 -6.34
N ILE A 90 19.02 -7.97 -5.71
CA ILE A 90 19.12 -9.37 -5.24
C ILE A 90 17.95 -10.14 -5.84
N HIS A 91 18.24 -11.08 -6.75
CA HIS A 91 17.23 -11.86 -7.49
C HIS A 91 16.50 -12.81 -6.53
N GLY A 92 15.33 -13.28 -6.96
CA GLY A 92 14.54 -14.29 -6.25
C GLY A 92 14.84 -15.70 -6.73
N GLY A 93 14.04 -16.65 -6.26
CA GLY A 93 14.20 -18.08 -6.56
C GLY A 93 14.15 -18.97 -5.34
N GLY A 94 13.52 -18.51 -4.26
CA GLY A 94 13.21 -19.37 -3.10
C GLY A 94 14.47 -19.79 -2.37
N TYR A 95 15.59 -19.09 -2.55
CA TYR A 95 16.94 -19.36 -1.96
C TYR A 95 17.61 -20.56 -2.64
N VAL A 96 16.92 -21.23 -3.58
CA VAL A 96 17.41 -22.50 -4.18
C VAL A 96 17.58 -22.42 -5.70
N MET A 97 17.17 -21.33 -6.35
CA MET A 97 17.33 -21.21 -7.82
C MET A 97 17.49 -19.74 -8.20
N GLY A 98 17.78 -19.52 -9.46
CA GLY A 98 17.89 -18.19 -10.06
C GLY A 98 19.33 -17.77 -10.24
N ALA A 99 19.52 -16.71 -11.01
CA ALA A 99 20.83 -16.10 -11.32
C ALA A 99 20.50 -14.66 -11.67
N PRO A 100 21.47 -13.72 -11.57
CA PRO A 100 21.22 -12.34 -11.95
C PRO A 100 20.65 -12.17 -13.37
N GLU A 101 21.06 -13.03 -14.30
CA GLU A 101 20.60 -12.96 -15.72
C GLU A 101 19.07 -12.99 -15.79
N MET A 102 18.40 -13.69 -14.88
CA MET A 102 16.90 -13.74 -14.85
C MET A 102 16.31 -12.33 -14.79
N ASN A 103 17.02 -11.33 -14.26
CA ASN A 103 16.52 -9.92 -14.15
C ASN A 103 17.34 -8.96 -15.03
N ASP A 104 18.04 -9.45 -16.07
CA ASP A 104 18.80 -8.54 -16.96
C ASP A 104 17.88 -7.42 -17.47
N GLN A 105 16.68 -7.78 -17.94
CA GLN A 105 15.69 -6.80 -18.49
C GLN A 105 15.31 -5.78 -17.42
N GLN A 106 14.91 -6.21 -16.23
CA GLN A 106 14.45 -5.29 -15.15
C GLN A 106 15.60 -4.37 -14.73
N CYS A 107 16.80 -4.93 -14.54
CA CYS A 107 17.96 -4.15 -14.05
C CYS A 107 18.42 -3.13 -15.10
N ALA A 108 18.51 -3.53 -16.38
CA ALA A 108 18.92 -2.59 -17.46
C ALA A 108 17.90 -1.45 -17.53
N GLU A 109 16.61 -1.75 -17.38
CA GLU A 109 15.56 -0.69 -17.45
C GLU A 109 15.67 0.24 -16.24
N LEU A 110 15.83 -0.30 -15.02
CA LEU A 110 16.08 0.55 -13.82
C LEU A 110 17.35 1.39 -13.99
N ALA A 111 18.44 0.80 -14.52
CA ALA A 111 19.71 1.57 -14.67
C ALA A 111 19.43 2.78 -15.56
N GLN A 112 18.74 2.56 -16.68
CA GLN A 112 18.44 3.62 -17.67
C GLN A 112 17.42 4.60 -17.07
N ARG A 113 16.41 4.13 -16.35
CA ARG A 113 15.24 4.99 -16.00
C ARG A 113 15.44 5.70 -14.66
N ILE A 114 16.22 5.19 -13.72
CA ILE A 114 16.28 5.87 -12.40
C ILE A 114 16.86 7.28 -12.58
N PRO A 115 18.03 7.50 -13.23
CA PRO A 115 18.98 6.47 -13.62
C PRO A 115 19.94 6.12 -12.48
N ALA A 116 20.54 4.93 -12.54
CA ALA A 116 21.49 4.48 -11.51
C ALA A 116 22.44 3.45 -12.10
N LEU A 117 23.58 3.25 -11.48
CA LEU A 117 24.31 1.98 -11.64
C LEU A 117 23.52 0.91 -10.91
N VAL A 118 23.18 -0.17 -11.57
CA VAL A 118 22.56 -1.32 -10.86
C VAL A 118 23.62 -2.40 -10.71
N ALA A 119 23.74 -2.94 -9.51
CA ALA A 119 24.71 -3.99 -9.18
C ALA A 119 23.90 -5.20 -8.66
N SER A 120 23.87 -6.26 -9.46
CA SER A 120 23.05 -7.46 -9.18
C SER A 120 23.96 -8.58 -8.64
N VAL A 121 23.58 -9.14 -7.49
CA VAL A 121 24.45 -10.07 -6.72
C VAL A 121 24.25 -11.49 -7.23
N ASP A 122 25.33 -12.15 -7.63
CA ASP A 122 25.29 -13.60 -7.96
C ASP A 122 25.52 -14.39 -6.66
N TYR A 123 24.57 -14.36 -5.74
CA TYR A 123 24.73 -15.06 -4.45
C TYR A 123 24.68 -16.58 -4.67
N ARG A 124 25.38 -17.34 -3.83
CA ARG A 124 25.35 -18.81 -3.87
C ARG A 124 23.96 -19.31 -3.42
N LEU A 125 23.54 -20.44 -3.94
CA LEU A 125 22.22 -21.05 -3.70
C LEU A 125 22.31 -22.16 -2.67
N ALA A 126 21.24 -22.29 -1.89
CA ALA A 126 20.90 -23.47 -1.09
C ALA A 126 20.35 -24.55 -2.01
N PRO A 127 20.37 -25.85 -1.65
CA PRO A 127 20.96 -26.32 -0.40
C PRO A 127 22.48 -26.44 -0.37
N GLU A 128 23.18 -26.21 -1.48
CA GLU A 128 24.66 -26.36 -1.55
C GLU A 128 25.33 -25.38 -0.58
N HIS A 129 24.79 -24.17 -0.45
CA HIS A 129 25.40 -23.08 0.36
C HIS A 129 24.33 -22.45 1.27
N PRO A 130 23.99 -23.10 2.40
CA PRO A 130 23.01 -22.56 3.32
C PRO A 130 23.46 -21.26 3.99
N TYR A 131 22.49 -20.57 4.58
CA TYR A 131 22.68 -19.39 5.43
C TYR A 131 23.82 -19.72 6.38
N PRO A 132 24.77 -18.80 6.68
CA PRO A 132 24.75 -17.43 6.17
C PRO A 132 25.43 -17.13 4.82
N ALA A 133 25.92 -18.13 4.10
CA ALA A 133 26.75 -17.90 2.90
C ALA A 133 26.05 -16.96 1.91
N PRO A 134 24.77 -17.19 1.50
CA PRO A 134 24.13 -16.32 0.51
C PRO A 134 24.03 -14.88 0.99
N LEU A 135 23.75 -14.67 2.29
CA LEU A 135 23.62 -13.30 2.82
C LEU A 135 25.00 -12.65 2.87
N GLU A 136 26.05 -13.40 3.24
CA GLU A 136 27.43 -12.87 3.29
C GLU A 136 27.90 -12.52 1.87
N ASP A 137 27.44 -13.27 0.85
CA ASP A 137 27.70 -12.91 -0.58
C ASP A 137 27.11 -11.53 -0.89
N CYS A 138 25.87 -11.26 -0.45
CA CYS A 138 25.21 -9.95 -0.65
C CYS A 138 25.97 -8.89 0.14
N TYR A 139 26.43 -9.22 1.36
CA TYR A 139 27.15 -8.26 2.22
C TYR A 139 28.49 -7.92 1.52
N ALA A 140 29.17 -8.92 0.97
CA ALA A 140 30.47 -8.73 0.26
C ALA A 140 30.24 -7.79 -0.93
N ALA A 141 29.14 -7.96 -1.66
CA ALA A 141 28.79 -7.11 -2.82
C ALA A 141 28.53 -5.68 -2.36
N LEU A 142 27.75 -5.51 -1.29
CA LEU A 142 27.46 -4.17 -0.73
C LEU A 142 28.78 -3.49 -0.33
N ARG A 143 29.64 -4.19 0.38
CA ARG A 143 30.92 -3.62 0.88
C ARG A 143 31.80 -3.18 -0.30
N TRP A 144 31.85 -4.01 -1.34
CA TRP A 144 32.65 -3.75 -2.56
C TRP A 144 32.14 -2.49 -3.25
N VAL A 145 30.82 -2.34 -3.43
CA VAL A 145 30.24 -1.13 -4.06
C VAL A 145 30.67 0.10 -3.25
N ALA A 146 30.55 0.04 -1.92
CA ALA A 146 30.86 1.20 -1.06
C ALA A 146 32.37 1.49 -1.18
N GLU A 147 33.23 0.48 -1.08
CA GLU A 147 34.69 0.70 -1.07
C GLU A 147 35.16 1.21 -2.45
N ARG A 148 34.59 0.71 -3.54
CA ARG A 148 35.04 1.00 -4.92
CA ARG A 148 35.04 1.00 -4.92
C ARG A 148 34.28 2.20 -5.50
N ALA A 149 33.42 2.85 -4.69
CA ALA A 149 32.46 3.88 -5.17
C ALA A 149 33.15 4.95 -6.00
N GLU A 150 34.33 5.42 -5.60
CA GLU A 150 34.92 6.61 -6.28
C GLU A 150 35.49 6.20 -7.64
N GLN A 151 35.72 4.89 -7.87
CA GLN A 151 36.18 4.33 -9.18
C GLN A 151 34.98 3.81 -10.00
N LEU A 152 33.91 3.36 -9.35
CA LEU A 152 32.64 3.02 -10.06
C LEU A 152 31.98 4.29 -10.56
N GLY A 153 32.33 5.45 -10.00
CA GLY A 153 31.69 6.74 -10.32
C GLY A 153 30.31 6.82 -9.66
N VAL A 154 30.17 6.32 -8.43
CA VAL A 154 28.86 6.35 -7.74
C VAL A 154 29.00 7.09 -6.42
N ASP A 155 27.85 7.53 -5.90
CA ASP A 155 27.69 8.24 -4.62
C ASP A 155 27.29 7.22 -3.56
N ARG A 156 28.21 6.89 -2.66
CA ARG A 156 27.96 5.87 -1.61
C ARG A 156 26.93 6.39 -0.60
N GLU A 157 26.56 7.67 -0.62
CA GLU A 157 25.46 8.21 0.24
C GLU A 157 24.10 8.01 -0.44
N ARG A 158 24.07 7.46 -1.66
CA ARG A 158 22.81 7.15 -2.38
C ARG A 158 22.86 5.72 -2.86
N LEU A 159 22.98 4.82 -1.91
CA LEU A 159 23.04 3.36 -2.14
C LEU A 159 21.73 2.74 -1.65
N ALA A 160 20.94 2.21 -2.56
CA ALA A 160 19.71 1.45 -2.23
C ALA A 160 19.99 -0.03 -2.38
N ILE A 161 19.33 -0.83 -1.55
CA ILE A 161 19.31 -2.31 -1.67
C ILE A 161 17.88 -2.73 -2.01
N ALA A 162 17.74 -3.77 -2.81
CA ALA A 162 16.41 -4.19 -3.31
C ALA A 162 16.45 -5.67 -3.66
N GLY A 163 15.30 -6.32 -3.54
CA GLY A 163 15.17 -7.71 -3.99
C GLY A 163 13.73 -8.15 -4.10
N ALA A 164 13.54 -9.25 -4.80
CA ALA A 164 12.23 -9.86 -5.01
C ALA A 164 12.21 -11.22 -4.34
N SER A 165 11.16 -11.47 -3.55
CA SER A 165 10.88 -12.78 -2.97
C SER A 165 12.06 -13.18 -2.08
N ALA A 166 12.71 -14.31 -2.33
CA ALA A 166 13.91 -14.70 -1.55
C ALA A 166 14.93 -13.55 -1.57
N GLY A 167 15.05 -12.85 -2.70
CA GLY A 167 15.97 -11.71 -2.81
C GLY A 167 15.54 -10.56 -1.92
N GLY A 168 14.23 -10.43 -1.67
CA GLY A 168 13.71 -9.42 -0.74
C GLY A 168 13.95 -9.82 0.71
N GLY A 169 13.90 -11.10 1.03
CA GLY A 169 14.35 -11.60 2.35
C GLY A 169 15.83 -11.29 2.58
N LEU A 170 16.68 -11.65 1.62
CA LEU A 170 18.14 -11.31 1.66
C LEU A 170 18.32 -9.79 1.80
N ALA A 171 17.57 -8.96 1.07
CA ALA A 171 17.70 -7.50 1.17
C ALA A 171 17.33 -7.03 2.58
N ALA A 172 16.27 -7.56 3.18
CA ALA A 172 15.79 -7.17 4.53
C ALA A 172 16.87 -7.58 5.56
N GLY A 173 17.38 -8.80 5.44
CA GLY A 173 18.46 -9.36 6.27
C GLY A 173 19.75 -8.55 6.11
N LEU A 174 20.03 -8.14 4.88
CA LEU A 174 21.24 -7.34 4.58
C LEU A 174 21.08 -5.97 5.25
N ALA A 175 19.89 -5.38 5.28
CA ALA A 175 19.71 -4.06 5.93
C ALA A 175 20.03 -4.19 7.43
N LEU A 176 19.55 -5.28 8.07
CA LEU A 176 19.80 -5.57 9.51
C LEU A 176 21.30 -5.82 9.72
N LEU A 177 21.92 -6.66 8.89
CA LEU A 177 23.35 -7.02 9.03
C LEU A 177 24.23 -5.76 8.85
N ALA A 178 23.91 -4.91 7.87
CA ALA A 178 24.66 -3.68 7.56
C ALA A 178 24.46 -2.69 8.70
N ARG A 179 23.24 -2.55 9.20
CA ARG A 179 22.98 -1.65 10.36
C ARG A 179 23.86 -2.11 11.53
N ASP A 180 23.85 -3.40 11.86
CA ASP A 180 24.53 -3.95 13.07
C ASP A 180 26.05 -3.89 12.88
N ARG A 181 26.61 -4.04 11.68
CA ARG A 181 28.09 -4.03 11.50
C ARG A 181 28.61 -2.59 11.44
N GLY A 182 27.75 -1.63 11.08
CA GLY A 182 28.06 -0.19 11.16
C GLY A 182 29.10 0.29 10.16
N GLU A 183 29.37 -0.44 9.07
CA GLU A 183 30.43 -0.09 8.08
C GLU A 183 29.83 0.67 6.87
N VAL A 184 28.68 0.24 6.36
CA VAL A 184 28.15 0.75 5.06
C VAL A 184 26.76 1.33 5.27
N PRO A 185 26.57 2.66 5.17
CA PRO A 185 25.24 3.25 5.22
C PRO A 185 24.42 2.88 3.98
N VAL A 186 23.13 2.61 4.20
CA VAL A 186 22.17 2.23 3.14
C VAL A 186 21.08 3.29 3.17
N ARG A 187 20.82 3.91 2.02
CA ARG A 187 19.83 5.01 1.87
CA ARG A 187 19.82 5.02 1.95
C ARG A 187 18.40 4.45 1.92
N PHE A 188 18.19 3.26 1.38
CA PHE A 188 16.83 2.79 1.05
C PHE A 188 16.80 1.28 0.85
N GLN A 189 15.69 0.65 1.25
CA GLN A 189 15.48 -0.79 1.04
C GLN A 189 14.13 -0.97 0.34
N LEU A 190 14.15 -1.63 -0.81
CA LEU A 190 12.97 -1.84 -1.69
C LEU A 190 12.73 -3.35 -1.66
N LEU A 191 11.65 -3.78 -1.00
CA LEU A 191 11.35 -5.22 -0.79
C LEU A 191 10.12 -5.58 -1.62
N ILE A 192 10.31 -6.39 -2.65
CA ILE A 192 9.20 -6.83 -3.54
C ILE A 192 8.79 -8.22 -3.09
N TYR A 193 7.54 -8.37 -2.64
CA TYR A 193 6.98 -9.61 -2.04
C TYR A 193 8.08 -10.43 -1.38
N PRO A 194 8.71 -9.87 -0.32
CA PRO A 194 9.82 -10.55 0.33
C PRO A 194 9.43 -11.84 1.07
N MET A 195 10.28 -12.83 0.94
CA MET A 195 10.20 -14.15 1.61
C MET A 195 10.97 -13.99 2.92
N LEU A 196 10.34 -13.57 4.01
CA LEU A 196 11.17 -13.17 5.18
C LEU A 196 10.75 -13.86 6.48
N ASP A 197 9.79 -14.78 6.44
CA ASP A 197 9.38 -15.56 7.65
C ASP A 197 9.43 -17.05 7.34
N ASP A 198 10.32 -17.76 8.02
CA ASP A 198 10.49 -19.22 7.85
C ASP A 198 9.38 -19.97 8.59
N ARG A 199 8.71 -19.31 9.54
CA ARG A 199 7.82 -20.02 10.49
C ARG A 199 6.56 -20.53 9.80
N ASN A 200 6.13 -19.91 8.69
CA ASN A 200 4.91 -20.34 7.93
C ASN A 200 3.75 -20.49 8.91
N GLN A 201 3.50 -19.47 9.72
CA GLN A 201 2.38 -19.51 10.71
C GLN A 201 1.33 -18.43 10.41
N THR A 202 1.55 -17.50 9.46
CA THR A 202 0.55 -16.46 9.14
C THR A 202 -0.64 -17.10 8.41
N PRO A 203 -1.84 -16.49 8.42
CA PRO A 203 -2.97 -17.04 7.66
C PRO A 203 -2.66 -17.22 6.16
N SER A 204 -2.05 -16.24 5.53
CA SER A 204 -1.74 -16.29 4.07
C SER A 204 -0.78 -17.45 3.76
N SER A 205 0.06 -17.86 4.71
CA SER A 205 1.04 -18.96 4.49
C SER A 205 0.31 -20.29 4.33
N TYR A 206 -0.98 -20.37 4.73
CA TYR A 206 -1.80 -21.59 4.55
C TYR A 206 -2.68 -21.50 3.30
N GLU A 207 -2.79 -20.33 2.69
CA GLU A 207 -3.86 -20.04 1.69
C GLU A 207 -3.43 -20.56 0.31
N ILE A 208 -2.14 -20.63 -0.01
CA ILE A 208 -1.70 -20.93 -1.42
C ILE A 208 -1.06 -22.32 -1.41
N THR A 209 -1.74 -23.32 -1.98
CA THR A 209 -1.27 -24.72 -2.05
C THR A 209 -1.21 -25.25 -3.49
N ASP A 210 -1.71 -24.51 -4.47
CA ASP A 210 -1.74 -25.01 -5.87
C ASP A 210 -0.57 -24.42 -6.67
N PRO A 211 0.31 -25.28 -7.24
CA PRO A 211 1.47 -24.84 -8.02
C PRO A 211 1.17 -23.92 -9.22
N ARG A 212 -0.09 -23.85 -9.64
CA ARG A 212 -0.52 -22.91 -10.71
C ARG A 212 -0.44 -21.47 -10.20
N LEU A 213 -0.34 -21.23 -8.89
CA LEU A 213 -0.22 -19.86 -8.30
C LEU A 213 1.25 -19.54 -7.95
N ILE A 214 2.19 -20.27 -8.58
CA ILE A 214 3.65 -20.00 -8.66
C ILE A 214 4.35 -20.45 -7.36
N TRP A 215 4.04 -19.85 -6.23
CA TRP A 215 4.75 -20.18 -4.96
C TRP A 215 3.75 -20.68 -3.92
N THR A 216 3.90 -21.93 -3.49
CA THR A 216 2.95 -22.60 -2.58
C THR A 216 3.59 -22.74 -1.19
N ARG A 217 2.77 -23.07 -0.20
CA ARG A 217 3.28 -23.37 1.13
C ARG A 217 4.41 -24.41 1.02
N ASP A 218 4.17 -25.51 0.32
CA ASP A 218 5.14 -26.62 0.22
C ASP A 218 6.45 -26.13 -0.42
N TRP A 219 6.39 -25.32 -1.48
CA TRP A 219 7.60 -24.76 -2.13
C TRP A 219 8.32 -23.91 -1.07
N ASN A 220 7.58 -23.12 -0.30
CA ASN A 220 8.12 -22.21 0.73
C ASN A 220 8.85 -23.02 1.79
N LEU A 221 8.27 -24.13 2.25
CA LEU A 221 8.91 -24.96 3.31
C LEU A 221 10.20 -25.59 2.75
N ILE A 222 10.20 -26.03 1.50
CA ILE A 222 11.39 -26.67 0.87
C ILE A 222 12.50 -25.62 0.75
N GLY A 223 12.16 -24.42 0.26
CA GLY A 223 13.11 -23.30 0.10
C GLY A 223 13.72 -22.93 1.43
N TRP A 224 12.88 -22.69 2.43
CA TRP A 224 13.38 -22.33 3.77
C TRP A 224 14.23 -23.46 4.35
N ARG A 225 13.82 -24.71 4.16
CA ARG A 225 14.56 -25.84 4.75
C ARG A 225 15.98 -25.87 4.15
N ALA A 226 16.08 -25.67 2.84
CA ALA A 226 17.36 -25.64 2.09
C ALA A 226 18.22 -24.46 2.57
N TYR A 227 17.64 -23.28 2.70
CA TYR A 227 18.37 -22.05 3.09
C TYR A 227 18.93 -22.19 4.51
N LEU A 228 18.11 -22.65 5.47
CA LEU A 228 18.51 -22.64 6.90
C LEU A 228 19.41 -23.85 7.21
N GLY A 229 19.26 -24.96 6.47
CA GLY A 229 19.86 -26.24 6.85
C GLY A 229 19.21 -26.77 8.12
N ARG A 230 18.01 -26.32 8.43
CA ARG A 230 17.24 -26.69 9.65
C ARG A 230 15.77 -26.70 9.27
N GLU A 231 14.93 -27.38 10.04
CA GLU A 231 13.47 -27.37 9.79
C GLU A 231 12.98 -25.92 9.90
N PRO A 232 12.20 -25.43 8.93
CA PRO A 232 11.54 -24.14 9.07
C PRO A 232 10.74 -24.08 10.38
N GLY A 233 10.85 -22.96 11.09
CA GLY A 233 10.17 -22.73 12.37
C GLY A 233 10.98 -23.28 13.54
N SER A 234 12.20 -23.76 13.32
CA SER A 234 13.11 -24.16 14.43
C SER A 234 13.35 -23.01 15.38
N PRO A 235 13.68 -23.29 16.66
CA PRO A 235 14.04 -22.22 17.59
C PRO A 235 15.35 -21.51 17.18
N ASP A 236 15.42 -20.21 17.46
CA ASP A 236 16.68 -19.40 17.44
C ASP A 236 17.20 -19.21 16.01
N VAL A 237 16.35 -19.30 14.98
CA VAL A 237 16.77 -18.95 13.58
C VAL A 237 17.21 -17.51 13.62
N PRO A 238 18.44 -17.17 13.17
CA PRO A 238 18.91 -15.79 13.32
C PRO A 238 17.99 -14.82 12.56
N PRO A 239 17.81 -13.60 13.09
CA PRO A 239 16.98 -12.59 12.43
C PRO A 239 17.52 -12.19 11.03
N TYR A 240 18.84 -12.32 10.80
CA TYR A 240 19.45 -12.01 9.49
C TYR A 240 18.94 -12.99 8.44
N ALA A 241 18.70 -14.23 8.85
CA ALA A 241 18.21 -15.35 8.01
C ALA A 241 16.69 -15.23 7.78
N ALA A 242 15.94 -14.83 8.81
CA ALA A 242 14.47 -14.67 8.74
C ALA A 242 14.08 -13.38 9.45
N PRO A 243 14.16 -12.23 8.72
CA PRO A 243 13.92 -10.91 9.29
C PRO A 243 12.57 -10.72 10.01
N ALA A 244 11.55 -11.51 9.67
CA ALA A 244 10.25 -11.48 10.40
C ALA A 244 10.51 -11.71 11.91
N ARG A 245 11.56 -12.45 12.26
CA ARG A 245 11.92 -12.78 13.65
C ARG A 245 12.68 -11.65 14.34
N ALA A 246 13.13 -10.62 13.65
CA ALA A 246 13.96 -9.56 14.25
C ALA A 246 13.08 -8.78 15.23
N ASP A 247 13.58 -8.58 16.45
CA ASP A 247 12.85 -7.88 17.54
C ASP A 247 12.92 -6.37 17.30
N ASP A 248 14.13 -5.82 17.16
CA ASP A 248 14.36 -4.35 17.13
C ASP A 248 14.69 -3.91 15.71
N LEU A 249 13.76 -3.17 15.08
CA LEU A 249 13.86 -2.73 13.67
C LEU A 249 14.29 -1.27 13.61
N ALA A 250 14.52 -0.59 14.75
CA ALA A 250 14.85 0.85 14.78
C ALA A 250 16.19 1.08 14.02
N GLY A 251 16.30 2.20 13.33
CA GLY A 251 17.55 2.61 12.66
C GLY A 251 17.78 1.86 11.34
N LEU A 252 16.78 1.12 10.83
CA LEU A 252 16.90 0.50 9.48
C LEU A 252 16.66 1.57 8.42
N PRO A 253 17.12 1.34 7.18
CA PRO A 253 16.90 2.32 6.13
C PRO A 253 15.40 2.46 5.84
N PRO A 254 14.95 3.65 5.39
CA PRO A 254 13.61 3.83 4.85
C PRO A 254 13.30 2.71 3.86
N ALA A 255 12.03 2.33 3.78
CA ALA A 255 11.62 1.07 3.14
C ALA A 255 10.42 1.30 2.22
N TYR A 256 10.34 0.47 1.19
CA TYR A 256 9.12 0.27 0.37
C TYR A 256 8.85 -1.24 0.35
N VAL A 257 7.63 -1.62 0.66
CA VAL A 257 7.19 -3.05 0.64
C VAL A 257 5.97 -3.14 -0.26
N LEU A 258 6.00 -4.10 -1.19
CA LEU A 258 4.90 -4.41 -2.14
C LEU A 258 4.57 -5.88 -2.00
N VAL A 259 3.28 -6.22 -2.02
CA VAL A 259 2.82 -7.63 -2.04
C VAL A 259 1.39 -7.66 -2.60
N GLY A 260 0.98 -8.78 -3.16
CA GLY A 260 -0.42 -8.99 -3.56
C GLY A 260 -1.23 -9.71 -2.48
N THR A 261 -2.56 -9.57 -2.51
CA THR A 261 -3.45 -10.21 -1.52
C THR A 261 -3.43 -11.72 -1.72
N ALA A 262 -3.08 -12.22 -2.91
CA ALA A 262 -3.14 -13.67 -3.23
C ALA A 262 -1.71 -14.24 -3.22
N ASP A 263 -0.84 -13.64 -2.44
CA ASP A 263 0.57 -14.08 -2.24
C ASP A 263 0.64 -14.79 -0.90
N LEU A 264 1.32 -15.93 -0.85
CA LEU A 264 1.68 -16.62 0.41
C LEU A 264 2.24 -15.62 1.43
N PHE A 265 2.97 -14.59 0.97
CA PHE A 265 3.73 -13.66 1.84
C PHE A 265 2.89 -12.45 2.27
N ARG A 266 1.62 -12.37 1.87
CA ARG A 266 0.79 -11.19 2.16
C ARG A 266 0.96 -10.80 3.64
N ASP A 267 0.72 -11.72 4.57
CA ASP A 267 0.58 -11.35 6.00
C ASP A 267 1.96 -11.11 6.63
N GLU A 268 3.00 -11.88 6.28
CA GLU A 268 4.37 -11.59 6.82
C GLU A 268 4.87 -10.25 6.29
N ASP A 269 4.54 -9.89 5.04
CA ASP A 269 5.01 -8.63 4.42
C ASP A 269 4.32 -7.45 5.09
N ILE A 270 3.02 -7.54 5.30
CA ILE A 270 2.25 -6.45 5.96
C ILE A 270 2.82 -6.30 7.39
N ALA A 271 3.03 -7.39 8.09
CA ALA A 271 3.47 -7.36 9.51
C ALA A 271 4.87 -6.75 9.58
N TYR A 272 5.78 -7.12 8.66
CA TYR A 272 7.16 -6.56 8.67
C TYR A 272 7.08 -5.05 8.42
N ALA A 273 6.30 -4.64 7.41
CA ALA A 273 6.13 -3.20 7.06
C ALA A 273 5.56 -2.43 8.26
N GLN A 274 4.54 -2.96 8.91
CA GLN A 274 3.90 -2.27 10.05
C GLN A 274 4.88 -2.18 11.23
N ARG A 275 5.65 -3.23 11.50
CA ARG A 275 6.66 -3.23 12.59
C ARG A 275 7.78 -2.22 12.26
N LEU A 276 8.21 -2.09 11.00
CA LEU A 276 9.11 -0.98 10.61
C LEU A 276 8.50 0.35 11.01
N MET A 277 7.23 0.59 10.63
CA MET A 277 6.57 1.90 10.91
C MET A 277 6.53 2.11 12.43
N GLN A 278 6.26 1.05 13.17
CA GLN A 278 6.13 1.18 14.65
C GLN A 278 7.52 1.44 15.26
N ALA A 279 8.62 1.11 14.57
CA ALA A 279 9.99 1.33 15.07
C ALA A 279 10.49 2.69 14.60
N GLY A 280 9.66 3.48 13.92
CA GLY A 280 10.00 4.82 13.42
C GLY A 280 10.78 4.81 12.11
N VAL A 281 10.83 3.68 11.40
CA VAL A 281 11.47 3.64 10.05
C VAL A 281 10.46 4.14 9.03
N PRO A 282 10.76 5.20 8.23
CA PRO A 282 9.83 5.66 7.21
C PRO A 282 9.58 4.54 6.21
N THR A 283 8.32 4.13 6.03
CA THR A 283 7.97 2.90 5.29
C THR A 283 6.70 3.17 4.48
N GLU A 284 6.79 2.87 3.19
CA GLU A 284 5.65 2.80 2.26
C GLU A 284 5.28 1.32 2.05
N LEU A 285 4.02 1.00 2.24
CA LEU A 285 3.45 -0.35 2.06
C LEU A 285 2.34 -0.28 1.00
N HIS A 286 2.43 -1.10 -0.03
CA HIS A 286 1.37 -1.18 -1.07
C HIS A 286 0.98 -2.63 -1.26
N VAL A 287 -0.24 -2.98 -0.84
CA VAL A 287 -0.83 -4.32 -1.06
C VAL A 287 -1.78 -4.19 -2.25
N PHE A 288 -1.53 -4.98 -3.31
CA PHE A 288 -2.31 -4.94 -4.58
C PHE A 288 -3.39 -6.02 -4.54
N ALA A 289 -4.63 -5.62 -4.85
CA ALA A 289 -5.82 -6.49 -4.80
C ALA A 289 -5.75 -7.57 -5.89
N GLY A 290 -5.95 -8.81 -5.49
CA GLY A 290 -6.08 -9.96 -6.39
C GLY A 290 -4.78 -10.27 -7.12
N ALA A 291 -3.64 -9.85 -6.56
CA ALA A 291 -2.32 -10.06 -7.22
C ALA A 291 -1.61 -11.26 -6.60
N PHE A 292 -1.13 -12.16 -7.46
CA PHE A 292 -0.41 -13.39 -7.10
C PHE A 292 1.10 -13.08 -7.01
N HIS A 293 1.85 -14.06 -6.52
CA HIS A 293 3.31 -13.98 -6.34
C HIS A 293 3.98 -13.90 -7.70
N GLY A 294 4.71 -12.82 -7.97
CA GLY A 294 5.40 -12.59 -9.25
C GLY A 294 4.52 -11.93 -10.31
N PHE A 295 3.38 -11.34 -9.93
CA PHE A 295 2.39 -10.79 -10.91
C PHE A 295 3.08 -9.77 -11.82
N ASP A 296 4.02 -9.01 -11.28
CA ASP A 296 4.72 -7.90 -11.98
C ASP A 296 5.57 -8.42 -13.15
N VAL A 297 6.05 -9.69 -13.11
CA VAL A 297 6.94 -10.24 -14.17
C VAL A 297 6.19 -11.29 -14.98
N PHE A 298 5.28 -12.04 -14.39
CA PHE A 298 4.45 -13.03 -15.10
C PHE A 298 3.40 -12.34 -15.97
N ALA A 299 2.89 -11.17 -15.59
CA ALA A 299 1.77 -10.49 -16.28
C ALA A 299 2.03 -9.00 -16.38
N PRO A 300 3.14 -8.59 -17.03
CA PRO A 300 3.55 -7.19 -17.03
C PRO A 300 2.59 -6.24 -17.74
N THR A 301 1.70 -6.73 -18.61
CA THR A 301 0.75 -5.87 -19.36
C THR A 301 -0.53 -5.64 -18.54
N ALA A 302 -0.81 -6.42 -17.50
CA ALA A 302 -2.02 -6.20 -16.67
C ALA A 302 -1.97 -4.79 -16.07
N TRP A 303 -3.14 -4.15 -15.93
CA TRP A 303 -3.30 -2.80 -15.34
C TRP A 303 -2.60 -2.72 -13.98
N VAL A 304 -2.81 -3.71 -13.13
CA VAL A 304 -2.27 -3.70 -11.73
C VAL A 304 -0.74 -3.88 -11.80
N SER A 305 -0.24 -4.66 -12.75
CA SER A 305 1.22 -4.90 -12.93
C SER A 305 1.89 -3.60 -13.36
N GLN A 306 1.26 -2.89 -14.29
CA GLN A 306 1.79 -1.60 -14.79
C GLN A 306 1.86 -0.62 -13.62
N ARG A 307 0.82 -0.55 -12.78
CA ARG A 307 0.82 0.39 -11.63
C ARG A 307 1.99 0.02 -10.70
N ALA A 308 2.16 -1.27 -10.40
CA ALA A 308 3.23 -1.78 -9.50
C ALA A 308 4.59 -1.38 -10.09
N ASN A 309 4.82 -1.64 -11.39
CA ASN A 309 6.13 -1.38 -12.04
C ASN A 309 6.39 0.11 -12.09
N ALA A 310 5.38 0.92 -12.39
CA ALA A 310 5.53 2.39 -12.43
C ALA A 310 5.86 2.92 -11.03
N GLU A 311 5.29 2.32 -9.99
CA GLU A 311 5.50 2.83 -8.61
C GLU A 311 6.91 2.44 -8.12
N VAL A 312 7.36 1.23 -8.38
CA VAL A 312 8.75 0.81 -8.00
C VAL A 312 9.74 1.82 -8.60
N LEU A 313 9.55 2.22 -9.86
CA LEU A 313 10.45 3.19 -10.54
C LEU A 313 10.35 4.55 -9.85
N ALA A 314 9.13 5.05 -9.63
CA ALA A 314 8.88 6.38 -9.06
C ALA A 314 9.52 6.47 -7.67
N VAL A 315 9.38 5.42 -6.88
CA VAL A 315 9.88 5.38 -5.48
C VAL A 315 11.42 5.39 -5.51
N LEU A 316 12.04 4.59 -6.37
CA LEU A 316 13.53 4.55 -6.49
C LEU A 316 14.07 5.89 -7.00
N GLN A 317 13.43 6.48 -8.01
CA GLN A 317 13.83 7.82 -8.54
C GLN A 317 13.86 8.82 -7.38
N ARG A 318 12.81 8.80 -6.55
CA ARG A 318 12.69 9.80 -5.45
C ARG A 318 13.75 9.49 -4.39
N ALA A 319 13.89 8.22 -3.98
CA ALA A 319 14.81 7.83 -2.88
C ALA A 319 16.27 8.14 -3.28
N LEU A 320 16.60 8.02 -4.57
CA LEU A 320 18.02 8.06 -5.05
C LEU A 320 18.36 9.39 -5.74
N LYS A 321 17.48 10.38 -5.74
CA LYS A 321 17.75 11.66 -6.46
C LYS A 321 18.66 12.54 -5.59
N LEU A 322 19.47 13.37 -6.23
CA LEU A 322 20.39 14.32 -5.54
C LEU A 322 19.55 15.38 -4.81
N ALA A 323 19.81 15.61 -3.52
CA ALA A 323 19.14 16.62 -2.66
C ALA A 323 19.54 18.03 -3.11
N SER B 2 10.52 19.45 14.73
CA SER B 2 10.76 18.35 15.73
C SER B 2 9.45 17.61 16.03
N VAL B 3 8.37 18.36 16.23
CA VAL B 3 6.96 17.88 16.08
C VAL B 3 6.79 17.32 14.66
N PHE B 4 7.45 17.93 13.67
CA PHE B 4 7.42 17.56 12.23
C PHE B 4 8.50 16.54 11.83
N ALA B 5 9.28 15.98 12.76
CA ALA B 5 10.50 15.19 12.46
C ALA B 5 10.18 13.92 11.66
N ARG B 6 9.06 13.24 11.92
CA ARG B 6 8.75 11.96 11.22
C ARG B 6 8.03 12.23 9.88
N LEU B 7 7.97 13.47 9.41
CA LEU B 7 7.17 13.80 8.20
C LEU B 7 8.08 13.81 6.98
N ASP B 8 7.54 13.44 5.83
CA ASP B 8 8.11 13.82 4.51
C ASP B 8 8.43 15.31 4.57
N PRO B 9 9.67 15.75 4.23
CA PRO B 9 10.05 17.15 4.39
C PRO B 9 9.12 18.16 3.70
N GLU B 10 8.61 17.85 2.50
CA GLU B 10 7.62 18.73 1.80
C GLU B 10 6.35 18.85 2.65
N LEU B 11 5.89 17.76 3.26
CA LEU B 11 4.67 17.81 4.11
C LEU B 11 4.94 18.64 5.38
N ALA B 12 6.10 18.48 6.00
CA ALA B 12 6.51 19.27 7.19
C ALA B 12 6.46 20.76 6.82
N ALA B 13 6.94 21.13 5.62
CA ALA B 13 7.01 22.54 5.16
C ALA B 13 5.59 23.08 4.96
N ALA B 14 4.67 22.27 4.44
CA ALA B 14 3.27 22.67 4.25
C ALA B 14 2.64 22.97 5.63
N LEU B 15 2.81 22.07 6.60
CA LEU B 15 2.26 22.21 7.97
C LEU B 15 2.87 23.43 8.69
N ARG B 16 4.12 23.78 8.41
CA ARG B 16 4.81 24.96 9.02
C ARG B 16 4.14 26.26 8.58
N GLU B 17 3.56 26.33 7.38
CA GLU B 17 2.94 27.58 6.83
C GLU B 17 1.53 27.79 7.41
N ILE B 18 1.01 26.89 8.24
CA ILE B 18 -0.35 27.05 8.83
C ILE B 18 -0.23 27.89 10.11
N PRO B 19 -0.92 29.06 10.19
CA PRO B 19 -0.93 29.85 11.42
C PRO B 19 -1.55 29.07 12.59
N GLU B 20 -0.95 29.16 13.78
CA GLU B 20 -1.36 28.44 15.01
C GLU B 20 -2.86 28.67 15.30
N GLU B 21 -3.37 29.86 15.00
CA GLU B 21 -4.76 30.27 15.31
C GLU B 21 -5.74 29.61 14.30
N PHE B 22 -5.25 28.96 13.24
CA PHE B 22 -6.08 28.25 12.23
C PHE B 22 -6.20 26.75 12.57
N LEU B 23 -5.52 26.27 13.61
CA LEU B 23 -5.52 24.83 14.01
C LEU B 23 -6.81 24.50 14.77
N LEU B 24 -7.24 23.23 14.72
CA LEU B 24 -8.45 22.74 15.43
C LEU B 24 -8.23 22.85 16.94
N ASP B 25 -9.26 23.31 17.64
CA ASP B 25 -9.37 23.28 19.13
C ASP B 25 -10.78 22.78 19.48
N LEU B 26 -10.90 21.52 19.91
CA LEU B 26 -12.21 20.89 20.22
C LEU B 26 -12.65 21.12 21.67
N ARG B 27 -12.10 22.12 22.39
CA ARG B 27 -12.63 22.59 23.72
C ARG B 27 -14.11 22.92 23.59
N ASP B 28 -14.44 23.66 22.53
CA ASP B 28 -15.77 24.20 22.21
C ASP B 28 -16.11 23.78 20.77
N ILE B 29 -16.93 22.74 20.62
CA ILE B 29 -17.32 22.18 19.30
C ILE B 29 -17.91 23.31 18.46
N SER B 30 -18.80 24.11 19.07
CA SER B 30 -19.58 25.19 18.40
C SER B 30 -18.64 26.22 17.78
N LEU B 31 -17.59 26.60 18.52
CA LEU B 31 -16.60 27.60 18.05
C LEU B 31 -15.80 26.97 16.91
N ALA B 32 -15.17 25.81 17.15
CA ALA B 32 -14.40 25.03 16.15
C ALA B 32 -15.16 24.98 14.82
N ARG B 33 -16.47 24.77 14.84
CA ARG B 33 -17.32 24.70 13.62
C ARG B 33 -17.37 26.06 12.93
N ARG B 34 -17.92 27.07 13.62
CA ARG B 34 -18.06 28.46 13.11
C ARG B 34 -16.68 29.03 12.74
N ARG B 35 -15.64 28.70 13.51
CA ARG B 35 -14.23 29.07 13.18
C ARG B 35 -13.82 28.35 11.87
N LEU B 36 -14.16 27.06 11.73
CA LEU B 36 -13.79 26.25 10.52
C LEU B 36 -14.49 26.81 9.27
N GLN B 37 -15.80 27.09 9.35
CA GLN B 37 -16.63 27.48 8.19
C GLN B 37 -16.24 28.90 7.74
N ILE B 38 -15.94 29.79 8.70
CA ILE B 38 -15.33 31.13 8.45
C ILE B 38 -13.98 30.91 7.73
N LEU B 39 -13.09 30.07 8.27
CA LEU B 39 -11.77 29.71 7.66
C LEU B 39 -11.98 29.41 6.16
N ARG B 40 -12.61 28.26 5.84
CA ARG B 40 -12.76 27.73 4.46
C ARG B 40 -12.99 28.90 3.48
N GLU B 41 -14.14 29.57 3.59
CA GLU B 41 -14.61 30.64 2.65
C GLU B 41 -13.43 31.48 2.16
N PRO B 48 -9.05 28.13 -7.20
CA PRO B 48 -9.65 28.10 -8.53
C PRO B 48 -11.14 27.77 -8.46
N PRO B 49 -12.05 28.55 -9.10
CA PRO B 49 -13.49 28.29 -9.03
C PRO B 49 -13.89 26.92 -9.63
N LEU B 50 -15.09 26.43 -9.30
CA LEU B 50 -15.52 25.03 -9.60
C LEU B 50 -15.63 24.84 -11.11
N PRO B 51 -15.32 23.64 -11.65
CA PRO B 51 -15.46 23.38 -13.08
C PRO B 51 -16.83 23.77 -13.61
N SER B 52 -16.91 24.36 -14.81
CA SER B 52 -18.17 24.90 -15.41
C SER B 52 -18.93 23.78 -16.14
N ASP B 53 -18.31 22.62 -16.36
CA ASP B 53 -18.98 21.44 -16.97
C ASP B 53 -19.50 20.48 -15.87
N VAL B 54 -19.52 20.91 -14.60
CA VAL B 54 -20.12 20.12 -13.48
C VAL B 54 -21.28 20.90 -12.88
N ALA B 55 -22.51 20.39 -13.00
CA ALA B 55 -23.72 20.99 -12.36
C ALA B 55 -23.78 20.52 -10.90
N VAL B 56 -23.77 21.45 -9.95
CA VAL B 56 -23.92 21.18 -8.49
C VAL B 56 -25.36 21.53 -8.08
N THR B 57 -26.14 20.55 -7.62
CA THR B 57 -27.52 20.73 -7.10
C THR B 57 -27.66 20.06 -5.72
N ASP B 58 -28.66 20.49 -4.96
CA ASP B 58 -29.04 19.90 -3.64
C ASP B 58 -30.38 19.19 -3.82
N GLU B 59 -30.47 17.94 -3.36
CA GLU B 59 -31.73 17.15 -3.34
C GLU B 59 -31.97 16.72 -1.90
N LEU B 60 -33.09 16.06 -1.63
CA LEU B 60 -33.48 15.59 -0.28
C LEU B 60 -33.84 14.11 -0.36
N ALA B 61 -33.35 13.30 0.58
CA ALA B 61 -33.62 11.85 0.65
C ALA B 61 -34.39 11.57 1.93
N PRO B 62 -35.51 10.80 1.88
CA PRO B 62 -36.24 10.47 3.09
C PRO B 62 -35.45 9.48 3.96
N ASN B 63 -35.42 9.75 5.27
CA ASN B 63 -34.75 8.86 6.25
C ASN B 63 -35.81 8.32 7.19
N SER B 64 -36.21 7.07 7.01
CA SER B 64 -37.30 6.41 7.78
C SER B 64 -36.85 6.09 9.21
N PHE B 65 -35.58 6.29 9.53
CA PHE B 65 -35.04 6.19 10.91
C PHE B 65 -35.91 7.07 11.83
N ASP B 66 -36.06 8.36 11.52
CA ASP B 66 -36.81 9.34 12.34
C ASP B 66 -37.74 10.19 11.46
N GLY B 67 -37.86 9.88 10.16
CA GLY B 67 -38.73 10.62 9.23
C GLY B 67 -38.16 11.95 8.79
N THR B 68 -36.88 12.22 9.04
CA THR B 68 -36.24 13.46 8.56
C THR B 68 -35.88 13.32 7.07
N MET B 69 -35.44 14.43 6.48
CA MET B 69 -34.96 14.50 5.09
C MET B 69 -33.48 14.81 5.15
N VAL B 70 -32.67 14.04 4.44
CA VAL B 70 -31.20 14.23 4.35
C VAL B 70 -30.90 15.01 3.06
N ARG B 71 -30.15 16.10 3.16
CA ARG B 71 -29.67 16.79 1.93
C ARG B 71 -28.54 15.96 1.32
N VAL B 72 -28.65 15.67 0.03
CA VAL B 72 -27.61 15.02 -0.81
C VAL B 72 -27.18 16.02 -1.88
N ARG B 73 -25.92 16.43 -1.89
CA ARG B 73 -25.36 17.39 -2.88
C ARG B 73 -24.83 16.58 -4.05
N LEU B 74 -25.39 16.82 -5.24
CA LEU B 74 -25.08 16.07 -6.48
C LEU B 74 -24.12 16.91 -7.35
N TYR B 75 -23.15 16.23 -7.94
CA TYR B 75 -22.15 16.80 -8.88
C TYR B 75 -22.26 15.96 -10.17
N ARG B 76 -22.89 16.54 -11.20
CA ARG B 76 -23.18 15.83 -12.46
C ARG B 76 -22.23 16.36 -13.53
N PRO B 77 -21.44 15.50 -14.19
CA PRO B 77 -20.57 15.94 -15.28
C PRO B 77 -21.47 16.14 -16.52
N SER B 78 -21.67 17.40 -16.90
CA SER B 78 -22.69 17.83 -17.91
C SER B 78 -22.29 17.33 -19.30
N GLU B 79 -20.99 17.18 -19.56
CA GLU B 79 -20.45 16.73 -20.87
C GLU B 79 -20.96 15.31 -21.18
N VAL B 80 -20.81 14.39 -20.23
CA VAL B 80 -20.78 12.91 -20.51
C VAL B 80 -22.18 12.43 -20.88
N THR B 81 -22.28 11.33 -21.64
CA THR B 81 -23.56 10.70 -22.10
C THR B 81 -23.62 9.25 -21.59
N GLY B 82 -24.72 8.55 -21.89
CA GLY B 82 -25.04 7.22 -21.33
C GLY B 82 -25.25 7.30 -19.81
N PRO B 83 -25.79 6.23 -19.16
CA PRO B 83 -25.93 6.22 -17.70
C PRO B 83 -24.55 6.36 -17.02
N LEU B 84 -24.54 6.99 -15.82
CA LEU B 84 -23.30 7.25 -15.05
C LEU B 84 -23.17 6.23 -13.92
N PRO B 85 -21.92 5.90 -13.51
CA PRO B 85 -21.71 5.20 -12.26
C PRO B 85 -21.90 6.30 -11.20
N VAL B 86 -22.03 5.94 -9.93
CA VAL B 86 -22.20 6.97 -8.87
C VAL B 86 -21.21 6.69 -7.72
N LEU B 87 -20.65 7.77 -7.20
CA LEU B 87 -19.82 7.76 -5.98
C LEU B 87 -20.58 8.50 -4.88
N LEU B 88 -21.00 7.76 -3.85
CA LEU B 88 -21.54 8.35 -2.60
C LEU B 88 -20.34 8.77 -1.75
N TRP B 89 -20.19 10.08 -1.57
CA TRP B 89 -19.08 10.71 -0.82
C TRP B 89 -19.56 11.12 0.57
N ILE B 90 -18.75 10.83 1.58
CA ILE B 90 -19.02 11.19 3.00
C ILE B 90 -17.83 11.99 3.54
N HIS B 91 -18.07 13.26 3.85
CA HIS B 91 -17.03 14.19 4.32
C HIS B 91 -16.54 13.79 5.72
N GLY B 92 -15.37 14.32 6.10
CA GLY B 92 -14.75 14.16 7.42
C GLY B 92 -15.08 15.30 8.35
N GLY B 93 -14.35 15.37 9.48
CA GLY B 93 -14.55 16.35 10.57
C GLY B 93 -14.85 15.70 11.91
N GLY B 94 -14.39 14.46 12.14
CA GLY B 94 -14.32 13.86 13.48
C GLY B 94 -15.67 13.50 14.07
N TYR B 95 -16.71 13.41 13.22
CA TYR B 95 -18.15 13.18 13.52
C TYR B 95 -18.82 14.44 14.09
N VAL B 96 -18.06 15.51 14.32
CA VAL B 96 -18.57 16.68 15.10
C VAL B 96 -18.53 17.96 14.26
N MET B 97 -17.96 17.95 13.06
CA MET B 97 -17.94 19.16 12.21
C MET B 97 -17.87 18.79 10.73
N GLY B 98 -17.92 19.79 9.86
CA GLY B 98 -17.81 19.64 8.40
C GLY B 98 -19.17 19.70 7.75
N ALA B 99 -19.17 19.95 6.44
CA ALA B 99 -20.38 20.00 5.58
C ALA B 99 -19.93 19.57 4.20
N PRO B 100 -20.84 19.08 3.33
CA PRO B 100 -20.47 18.70 1.97
C PRO B 100 -19.68 19.78 1.23
N GLU B 101 -19.98 21.06 1.49
CA GLU B 101 -19.36 22.20 0.78
C GLU B 101 -17.83 22.16 0.94
N MET B 102 -17.32 21.63 2.06
CA MET B 102 -15.86 21.53 2.35
C MET B 102 -15.18 20.72 1.24
N ASN B 103 -15.88 19.83 0.54
CA ASN B 103 -15.29 18.94 -0.50
C ASN B 103 -15.87 19.25 -1.90
N ASP B 104 -16.42 20.45 -2.14
CA ASP B 104 -17.02 20.78 -3.48
C ASP B 104 -15.94 20.62 -4.56
N GLN B 105 -14.75 21.18 -4.35
CA GLN B 105 -13.60 21.08 -5.30
C GLN B 105 -13.32 19.61 -5.62
N GLN B 106 -13.07 18.77 -4.62
CA GLN B 106 -12.71 17.33 -4.83
C GLN B 106 -13.87 16.60 -5.51
N CYS B 107 -15.10 16.79 -5.03
CA CYS B 107 -16.26 16.07 -5.59
C CYS B 107 -16.46 16.47 -7.06
N ALA B 108 -16.36 17.75 -7.39
CA ALA B 108 -16.57 18.26 -8.77
C ALA B 108 -15.47 17.68 -9.68
N GLU B 109 -14.23 17.64 -9.18
CA GLU B 109 -13.08 17.09 -9.95
C GLU B 109 -13.33 15.61 -10.19
N LEU B 110 -13.76 14.84 -9.19
CA LEU B 110 -14.02 13.39 -9.37
C LEU B 110 -15.18 13.16 -10.32
N ALA B 111 -16.27 13.94 -10.21
CA ALA B 111 -17.42 13.83 -11.14
C ALA B 111 -16.91 13.93 -12.59
N GLN B 112 -16.11 14.95 -12.88
CA GLN B 112 -15.54 15.26 -14.22
C GLN B 112 -14.61 14.12 -14.64
N ARG B 113 -13.69 13.69 -13.77
CA ARG B 113 -12.52 12.87 -14.21
C ARG B 113 -12.83 11.37 -14.16
N ILE B 114 -13.79 10.90 -13.37
CA ILE B 114 -14.00 9.43 -13.26
C ILE B 114 -14.47 8.82 -14.59
N PRO B 115 -15.53 9.34 -15.27
CA PRO B 115 -16.45 10.34 -14.73
C PRO B 115 -17.60 9.63 -13.99
N ALA B 116 -18.36 10.38 -13.20
CA ALA B 116 -19.44 9.83 -12.34
C ALA B 116 -20.34 10.94 -11.82
N LEU B 117 -21.56 10.56 -11.45
CA LEU B 117 -22.39 11.39 -10.55
C LEU B 117 -21.82 11.22 -9.14
N VAL B 118 -21.42 12.32 -8.51
CA VAL B 118 -20.95 12.29 -7.10
C VAL B 118 -22.10 12.80 -6.25
N ALA B 119 -22.50 12.02 -5.24
CA ALA B 119 -23.59 12.32 -4.29
C ALA B 119 -22.99 12.43 -2.88
N SER B 120 -22.89 13.64 -2.36
CA SER B 120 -22.20 13.96 -1.10
C SER B 120 -23.25 14.12 -0.01
N VAL B 121 -23.14 13.33 1.07
CA VAL B 121 -24.18 13.22 2.12
C VAL B 121 -24.00 14.35 3.13
N ASP B 122 -25.07 15.11 3.37
CA ASP B 122 -25.08 16.14 4.43
C ASP B 122 -25.58 15.48 5.72
N TYR B 123 -24.77 14.60 6.30
CA TYR B 123 -25.16 13.82 7.49
C TYR B 123 -25.18 14.73 8.71
N ARG B 124 -26.02 14.40 9.68
CA ARG B 124 -26.11 15.20 10.94
C ARG B 124 -24.88 14.96 11.80
N LEU B 125 -24.51 15.95 12.59
CA LEU B 125 -23.27 15.95 13.38
C LEU B 125 -23.55 15.56 14.84
N ALA B 126 -22.58 14.92 15.46
CA ALA B 126 -22.49 14.76 16.93
C ALA B 126 -21.86 16.04 17.49
N PRO B 127 -22.04 16.35 18.81
CA PRO B 127 -22.82 15.53 19.72
C PRO B 127 -24.36 15.63 19.68
N GLU B 128 -24.92 16.56 18.89
CA GLU B 128 -26.40 16.79 18.82
C GLU B 128 -27.07 15.52 18.28
N HIS B 129 -26.44 14.82 17.34
CA HIS B 129 -27.03 13.63 16.68
C HIS B 129 -26.06 12.46 16.72
N PRO B 130 -25.92 11.76 17.87
CA PRO B 130 -25.03 10.62 17.95
C PRO B 130 -25.51 9.44 17.10
N TYR B 131 -24.57 8.52 16.87
CA TYR B 131 -24.84 7.18 16.31
C TYR B 131 -26.13 6.68 16.94
N PRO B 132 -27.06 6.08 16.19
CA PRO B 132 -26.90 5.82 14.76
C PRO B 132 -27.30 6.90 13.75
N ALA B 133 -27.72 8.08 14.17
CA ALA B 133 -28.37 9.07 13.28
C ALA B 133 -27.49 9.37 12.06
N PRO B 134 -26.19 9.77 12.21
CA PRO B 134 -25.38 10.16 11.05
C PRO B 134 -25.20 9.02 10.03
N LEU B 135 -25.08 7.79 10.51
CA LEU B 135 -24.96 6.61 9.62
C LEU B 135 -26.30 6.34 8.92
N GLU B 136 -27.42 6.45 9.63
CA GLU B 136 -28.77 6.28 9.03
C GLU B 136 -29.00 7.37 7.96
N ASP B 137 -28.44 8.56 8.15
CA ASP B 137 -28.46 9.65 7.15
C ASP B 137 -27.73 9.19 5.86
N CYS B 138 -26.56 8.56 6.01
CA CYS B 138 -25.75 8.05 4.88
C CYS B 138 -26.53 6.91 4.23
N TYR B 139 -27.13 6.03 5.02
CA TYR B 139 -27.91 4.90 4.46
C TYR B 139 -29.12 5.44 3.68
N ALA B 140 -29.79 6.47 4.20
CA ALA B 140 -30.97 7.07 3.55
C ALA B 140 -30.54 7.61 2.17
N ALA B 141 -29.40 8.31 2.11
CA ALA B 141 -28.83 8.85 0.85
C ALA B 141 -28.56 7.69 -0.12
N LEU B 142 -27.93 6.61 0.36
CA LEU B 142 -27.57 5.45 -0.50
C LEU B 142 -28.84 4.84 -1.10
N ARG B 143 -29.82 4.62 -0.24
CA ARG B 143 -31.11 3.98 -0.60
C ARG B 143 -31.81 4.83 -1.66
N TRP B 144 -31.77 6.15 -1.51
CA TRP B 144 -32.43 7.11 -2.41
C TRP B 144 -31.77 7.07 -3.80
N VAL B 145 -30.44 7.12 -3.86
CA VAL B 145 -29.67 7.01 -5.13
C VAL B 145 -30.08 5.70 -5.83
N ALA B 146 -30.09 4.58 -5.10
CA ALA B 146 -30.38 3.25 -5.66
C ALA B 146 -31.80 3.22 -6.21
N GLU B 147 -32.75 3.73 -5.43
CA GLU B 147 -34.19 3.62 -5.75
C GLU B 147 -34.52 4.51 -6.96
N ARG B 148 -33.88 5.68 -7.06
CA ARG B 148 -34.17 6.74 -8.06
C ARG B 148 -33.10 6.71 -9.16
N ALA B 149 -32.47 5.56 -9.40
CA ALA B 149 -31.28 5.42 -10.27
C ALA B 149 -31.65 5.86 -11.71
N GLU B 150 -32.72 5.31 -12.27
CA GLU B 150 -33.15 5.63 -13.66
C GLU B 150 -33.46 7.13 -13.75
N GLN B 151 -34.18 7.69 -12.76
CA GLN B 151 -34.49 9.14 -12.69
C GLN B 151 -33.19 9.95 -12.65
N LEU B 152 -32.15 9.45 -11.99
CA LEU B 152 -30.88 10.20 -11.81
C LEU B 152 -29.93 9.94 -12.98
N GLY B 153 -30.29 8.97 -13.84
CA GLY B 153 -29.47 8.55 -14.99
C GLY B 153 -28.18 7.87 -14.53
N VAL B 154 -28.27 6.96 -13.56
CA VAL B 154 -27.07 6.26 -13.00
C VAL B 154 -27.31 4.77 -13.13
N ASP B 155 -26.21 4.04 -13.21
CA ASP B 155 -26.17 2.56 -13.20
C ASP B 155 -26.08 2.11 -11.73
N ARG B 156 -27.19 1.52 -11.26
CA ARG B 156 -27.41 0.99 -9.89
C ARG B 156 -26.34 -0.06 -9.54
N GLU B 157 -25.78 -0.70 -10.56
CA GLU B 157 -24.77 -1.78 -10.42
C GLU B 157 -23.35 -1.19 -10.34
N ARG B 158 -23.20 0.12 -10.48
CA ARG B 158 -21.90 0.83 -10.37
C ARG B 158 -22.04 1.93 -9.32
N LEU B 159 -22.35 1.50 -8.10
CA LEU B 159 -22.50 2.37 -6.90
C LEU B 159 -21.31 2.12 -5.97
N ALA B 160 -20.43 3.10 -5.87
CA ALA B 160 -19.28 3.11 -4.93
C ALA B 160 -19.61 4.02 -3.75
N ILE B 161 -19.09 3.68 -2.58
CA ILE B 161 -19.16 4.57 -1.39
C ILE B 161 -17.75 4.92 -0.99
N ALA B 162 -17.55 6.14 -0.52
CA ALA B 162 -16.22 6.68 -0.20
C ALA B 162 -16.37 7.70 0.91
N GLY B 163 -15.32 7.86 1.71
CA GLY B 163 -15.24 8.96 2.68
C GLY B 163 -13.84 9.13 3.20
N ALA B 164 -13.58 10.30 3.77
CA ALA B 164 -12.29 10.66 4.42
C ALA B 164 -12.48 10.75 5.93
N SER B 165 -11.57 10.13 6.68
CA SER B 165 -11.49 10.28 8.15
C SER B 165 -12.81 9.77 8.76
N ALA B 166 -13.53 10.59 9.53
CA ALA B 166 -14.86 10.22 10.09
C ALA B 166 -15.77 9.71 8.97
N GLY B 167 -15.73 10.36 7.81
CA GLY B 167 -16.51 9.92 6.63
C GLY B 167 -16.10 8.56 6.14
N GLY B 168 -14.81 8.17 6.30
CA GLY B 168 -14.35 6.83 5.93
C GLY B 168 -14.83 5.80 6.92
N GLY B 169 -14.94 6.18 8.19
CA GLY B 169 -15.57 5.33 9.21
C GLY B 169 -17.03 5.11 8.87
N LEU B 170 -17.75 6.19 8.56
CA LEU B 170 -19.17 6.08 8.15
C LEU B 170 -19.27 5.19 6.90
N ALA B 171 -18.35 5.36 5.94
CA ALA B 171 -18.39 4.58 4.68
C ALA B 171 -18.20 3.09 4.98
N ALA B 172 -17.23 2.74 5.84
CA ALA B 172 -16.96 1.35 6.24
C ALA B 172 -18.20 0.78 6.94
N GLY B 173 -18.77 1.54 7.88
CA GLY B 173 -20.00 1.10 8.59
C GLY B 173 -21.21 1.03 7.67
N LEU B 174 -21.27 1.91 6.68
CA LEU B 174 -22.35 1.88 5.64
C LEU B 174 -22.21 0.58 4.84
N ALA B 175 -21.00 0.16 4.49
CA ALA B 175 -20.79 -1.09 3.74
C ALA B 175 -21.32 -2.25 4.56
N LEU B 176 -21.01 -2.30 5.86
CA LEU B 176 -21.48 -3.39 6.76
C LEU B 176 -23.01 -3.32 6.83
N LEU B 177 -23.55 -2.14 7.07
CA LEU B 177 -25.02 -1.95 7.24
C LEU B 177 -25.75 -2.30 5.94
N ALA B 178 -25.26 -1.83 4.79
CA ALA B 178 -25.86 -2.13 3.47
C ALA B 178 -25.80 -3.64 3.23
N ARG B 179 -24.67 -4.27 3.56
CA ARG B 179 -24.53 -5.74 3.37
C ARG B 179 -25.58 -6.45 4.22
N ASP B 180 -25.73 -6.05 5.48
CA ASP B 180 -26.57 -6.80 6.45
C ASP B 180 -28.06 -6.61 6.10
N ARG B 181 -28.44 -5.47 5.53
CA ARG B 181 -29.86 -5.16 5.23
C ARG B 181 -30.23 -5.78 3.87
N GLY B 182 -29.29 -5.99 2.97
CA GLY B 182 -29.56 -6.80 1.76
C GLY B 182 -30.45 -6.11 0.75
N GLU B 183 -30.54 -4.77 0.77
CA GLU B 183 -31.42 -3.96 -0.13
C GLU B 183 -30.60 -3.32 -1.25
N VAL B 184 -29.42 -2.75 -0.97
CA VAL B 184 -28.69 -1.91 -1.95
C VAL B 184 -27.33 -2.56 -2.21
N PRO B 185 -27.03 -3.03 -3.44
CA PRO B 185 -25.72 -3.59 -3.76
C PRO B 185 -24.70 -2.45 -3.88
N VAL B 186 -23.51 -2.66 -3.31
CA VAL B 186 -22.41 -1.67 -3.34
C VAL B 186 -21.24 -2.32 -4.09
N ARG B 187 -20.72 -1.64 -5.10
CA ARG B 187 -19.66 -2.17 -6.01
CA ARG B 187 -19.68 -2.23 -5.98
C ARG B 187 -18.29 -2.04 -5.34
N PHE B 188 -18.08 -0.98 -4.58
CA PHE B 188 -16.72 -0.60 -4.12
C PHE B 188 -16.81 0.28 -2.88
N GLN B 189 -15.80 0.21 -2.01
CA GLN B 189 -15.65 1.14 -0.87
C GLN B 189 -14.24 1.74 -0.87
N LEU B 190 -14.15 3.06 -0.85
CA LEU B 190 -12.89 3.84 -0.93
C LEU B 190 -12.76 4.53 0.42
N LEU B 191 -11.82 4.09 1.25
CA LEU B 191 -11.69 4.57 2.66
C LEU B 191 -10.37 5.34 2.76
N ILE B 192 -10.47 6.65 2.88
CA ILE B 192 -9.32 7.59 2.99
C ILE B 192 -9.07 7.85 4.48
N TYR B 193 -7.92 7.40 4.99
CA TYR B 193 -7.52 7.46 6.42
C TYR B 193 -8.77 7.40 7.30
N PRO B 194 -9.53 6.28 7.26
CA PRO B 194 -10.79 6.19 8.00
C PRO B 194 -10.58 6.16 9.53
N MET B 195 -11.47 6.88 10.20
CA MET B 195 -11.60 6.92 11.67
C MET B 195 -12.55 5.78 12.05
N LEU B 196 -12.04 4.58 12.33
CA LEU B 196 -12.98 3.44 12.46
C LEU B 196 -12.82 2.62 13.75
N ASP B 197 -11.92 3.01 14.66
CA ASP B 197 -11.74 2.29 15.95
C ASP B 197 -11.91 3.29 17.10
N ASP B 198 -12.99 3.17 17.86
CA ASP B 198 -13.24 4.07 19.01
C ASP B 198 -12.28 3.75 20.17
N ARG B 199 -11.68 2.56 20.19
CA ARG B 199 -11.02 2.02 21.41
C ARG B 199 -9.72 2.78 21.73
N ASN B 200 -9.10 3.41 20.74
CA ASN B 200 -7.86 4.20 20.93
C ASN B 200 -6.83 3.37 21.70
N GLN B 201 -6.58 2.14 21.26
CA GLN B 201 -5.61 1.26 21.94
C GLN B 201 -4.44 0.89 21.01
N THR B 202 -4.44 1.26 19.72
CA THR B 202 -3.32 0.90 18.82
C THR B 202 -2.10 1.76 19.15
N PRO B 203 -0.88 1.30 18.79
CA PRO B 203 0.32 2.11 18.96
C PRO B 203 0.21 3.51 18.32
N SER B 204 -0.26 3.61 17.07
CA SER B 204 -0.39 4.92 16.38
C SER B 204 -1.38 5.83 17.12
N SER B 205 -2.40 5.29 17.79
CA SER B 205 -3.41 6.13 18.51
C SER B 205 -2.77 6.88 19.70
N TYR B 206 -1.55 6.54 20.10
CA TYR B 206 -0.80 7.27 21.16
C TYR B 206 0.24 8.20 20.55
N GLU B 207 0.54 8.09 19.26
CA GLU B 207 1.76 8.70 18.66
C GLU B 207 1.51 10.17 18.33
N ILE B 208 0.28 10.61 18.08
CA ILE B 208 0.00 11.99 17.60
C ILE B 208 -0.72 12.77 18.72
N THR B 209 -0.03 13.72 19.35
CA THR B 209 -0.57 14.51 20.49
C THR B 209 -0.50 16.03 20.20
N ASP B 210 0.21 16.47 19.17
CA ASP B 210 0.39 17.92 18.89
C ASP B 210 -0.63 18.37 17.86
N PRO B 211 -1.44 19.43 18.14
CA PRO B 211 -2.47 19.90 17.22
C PRO B 211 -1.93 20.41 15.88
N ARG B 212 -0.63 20.66 15.77
CA ARG B 212 0.00 21.06 14.48
C ARG B 212 -0.04 19.87 13.50
N LEU B 213 -0.31 18.66 13.99
CA LEU B 213 -0.46 17.44 13.16
C LEU B 213 -1.92 17.13 12.86
N ILE B 214 -2.81 18.12 13.01
CA ILE B 214 -4.21 18.13 12.47
C ILE B 214 -5.16 17.36 13.40
N TRP B 215 -4.93 16.06 13.59
CA TRP B 215 -5.82 15.18 14.40
C TRP B 215 -5.01 14.44 15.46
N THR B 216 -5.26 14.76 16.72
CA THR B 216 -4.53 14.24 17.90
C THR B 216 -5.39 13.20 18.61
N ARG B 217 -4.77 12.42 19.49
CA ARG B 217 -5.49 11.49 20.38
C ARG B 217 -6.60 12.24 21.15
N ASP B 218 -6.31 13.42 21.70
CA ASP B 218 -7.31 14.19 22.49
C ASP B 218 -8.51 14.49 21.61
N TRP B 219 -8.29 14.91 20.36
CA TRP B 219 -9.40 15.23 19.41
C TRP B 219 -10.19 13.96 19.12
N ASN B 220 -9.49 12.84 18.96
CA ASN B 220 -10.07 11.54 18.59
C ASN B 220 -11.01 11.06 19.71
N LEU B 221 -10.58 11.20 20.97
CA LEU B 221 -11.39 10.80 22.14
C LEU B 221 -12.65 11.67 22.20
N ILE B 222 -12.53 12.95 21.92
CA ILE B 222 -13.68 13.92 21.95
C ILE B 222 -14.65 13.57 20.82
N GLY B 223 -14.13 13.29 19.63
CA GLY B 223 -14.96 12.93 18.47
C GLY B 223 -15.75 11.65 18.70
N TRP B 224 -15.06 10.61 19.16
CA TRP B 224 -15.72 9.31 19.42
C TRP B 224 -16.70 9.44 20.58
N ARG B 225 -16.34 10.17 21.63
CA ARG B 225 -17.26 10.34 22.79
C ARG B 225 -18.55 11.03 22.32
N ALA B 226 -18.44 12.05 21.45
CA ALA B 226 -19.60 12.77 20.89
C ALA B 226 -20.45 11.82 20.02
N TYR B 227 -19.81 11.07 19.13
CA TYR B 227 -20.49 10.20 18.14
C TYR B 227 -21.22 9.05 18.85
N LEU B 228 -20.58 8.40 19.82
CA LEU B 228 -21.21 7.23 20.47
C LEU B 228 -22.24 7.68 21.51
N GLY B 229 -22.07 8.85 22.12
CA GLY B 229 -22.78 9.25 23.35
C GLY B 229 -22.45 8.32 24.49
N ARG B 230 -21.26 7.69 24.44
CA ARG B 230 -20.74 6.69 25.42
C ARG B 230 -19.22 6.90 25.46
N GLU B 231 -18.54 6.45 26.51
CA GLU B 231 -17.08 6.63 26.60
C GLU B 231 -16.45 5.85 25.46
N PRO B 232 -15.39 6.36 24.81
CA PRO B 232 -14.62 5.56 23.84
C PRO B 232 -14.15 4.26 24.48
N GLY B 233 -14.30 3.15 23.76
CA GLY B 233 -13.87 1.82 24.22
C GLY B 233 -14.90 1.15 25.10
N SER B 234 -16.11 1.69 25.19
CA SER B 234 -17.20 1.08 25.98
C SER B 234 -17.48 -0.31 25.44
N PRO B 235 -18.02 -1.23 26.27
CA PRO B 235 -18.39 -2.55 25.79
C PRO B 235 -19.52 -2.50 24.75
N ASP B 236 -19.49 -3.40 23.77
CA ASP B 236 -20.64 -3.70 22.86
C ASP B 236 -20.98 -2.50 21.96
N VAL B 237 -20.02 -1.64 21.67
CA VAL B 237 -20.23 -0.60 20.61
C VAL B 237 -20.54 -1.35 19.32
N PRO B 238 -21.68 -1.04 18.66
CA PRO B 238 -22.04 -1.77 17.44
C PRO B 238 -20.95 -1.67 16.38
N PRO B 239 -20.74 -2.74 15.60
CA PRO B 239 -19.76 -2.75 14.50
C PRO B 239 -20.03 -1.66 13.43
N TYR B 240 -21.29 -1.25 13.25
CA TYR B 240 -21.66 -0.16 12.30
C TYR B 240 -21.11 1.18 12.78
N ALA B 241 -21.02 1.37 14.09
CA ALA B 241 -20.49 2.61 14.71
C ALA B 241 -18.96 2.62 14.63
N ALA B 242 -18.31 1.49 14.89
CA ALA B 242 -16.84 1.37 14.94
C ALA B 242 -16.45 0.10 14.19
N PRO B 243 -16.33 0.17 12.85
CA PRO B 243 -16.09 -1.03 12.06
C PRO B 243 -14.86 -1.86 12.45
N ALA B 244 -13.89 -1.28 13.13
CA ALA B 244 -12.72 -2.03 13.65
C ALA B 244 -13.23 -3.19 14.50
N ARG B 245 -14.38 -3.03 15.15
CA ARG B 245 -14.91 -4.07 16.07
C ARG B 245 -15.63 -5.18 15.30
N ALA B 246 -15.96 -5.01 14.02
CA ALA B 246 -16.76 -6.00 13.26
C ALA B 246 -15.97 -7.31 13.17
N ASP B 247 -16.58 -8.42 13.59
CA ASP B 247 -15.99 -9.77 13.58
C ASP B 247 -15.96 -10.28 12.12
N ASP B 248 -17.10 -10.33 11.45
CA ASP B 248 -17.25 -11.03 10.15
C ASP B 248 -17.29 -10.00 9.02
N LEU B 249 -16.19 -9.90 8.27
CA LEU B 249 -16.07 -8.93 7.15
C LEU B 249 -16.39 -9.59 5.79
N ALA B 250 -16.71 -10.88 5.74
CA ALA B 250 -16.98 -11.62 4.47
C ALA B 250 -18.15 -10.93 3.72
N GLY B 251 -18.02 -10.82 2.40
CA GLY B 251 -19.11 -10.37 1.51
C GLY B 251 -19.23 -8.87 1.49
N LEU B 252 -18.25 -8.15 2.02
CA LEU B 252 -18.21 -6.68 1.89
C LEU B 252 -17.72 -6.34 0.50
N PRO B 253 -18.02 -5.12 0.00
CA PRO B 253 -17.54 -4.67 -1.28
C PRO B 253 -16.01 -4.59 -1.32
N PRO B 254 -15.43 -4.87 -2.52
CA PRO B 254 -14.01 -4.61 -2.76
C PRO B 254 -13.65 -3.22 -2.24
N ALA B 255 -12.45 -3.11 -1.66
CA ALA B 255 -12.04 -1.94 -0.87
C ALA B 255 -10.69 -1.38 -1.34
N TYR B 256 -10.53 -0.07 -1.18
CA TYR B 256 -9.23 0.61 -1.17
C TYR B 256 -9.10 1.34 0.15
N VAL B 257 -7.95 1.22 0.79
CA VAL B 257 -7.63 1.95 2.03
C VAL B 257 -6.28 2.65 1.87
N LEU B 258 -6.28 3.94 2.17
CA LEU B 258 -5.10 4.83 2.17
C LEU B 258 -4.90 5.36 3.59
N VAL B 259 -3.65 5.44 4.05
CA VAL B 259 -3.28 6.13 5.32
C VAL B 259 -1.79 6.49 5.28
N GLY B 260 -1.43 7.56 5.97
CA GLY B 260 -0.02 7.93 6.20
C GLY B 260 0.55 7.23 7.42
N THR B 261 1.87 7.07 7.48
CA THR B 261 2.56 6.48 8.65
C THR B 261 2.47 7.43 9.85
N ALA B 262 2.31 8.74 9.65
CA ALA B 262 2.25 9.74 10.75
C ALA B 262 0.79 10.13 11.00
N ASP B 263 -0.09 9.15 10.90
CA ASP B 263 -1.56 9.31 11.13
C ASP B 263 -1.90 8.50 12.37
N LEU B 264 -2.68 9.09 13.26
CA LEU B 264 -3.28 8.40 14.44
C LEU B 264 -3.91 7.08 14.00
N PHE B 265 -4.48 7.04 12.80
CA PHE B 265 -5.27 5.88 12.32
C PHE B 265 -4.42 4.85 11.58
N ARG B 266 -3.11 5.08 11.46
CA ARG B 266 -2.22 4.15 10.71
C ARG B 266 -2.56 2.72 11.09
N ASP B 267 -2.51 2.38 12.38
CA ASP B 267 -2.58 0.97 12.82
C ASP B 267 -4.00 0.41 12.67
N GLU B 268 -5.05 1.17 12.98
CA GLU B 268 -6.43 0.64 12.83
C GLU B 268 -6.72 0.44 11.34
N ASP B 269 -6.20 1.32 10.47
CA ASP B 269 -6.50 1.28 9.01
C ASP B 269 -5.79 0.07 8.42
N ILE B 270 -4.54 -0.15 8.82
CA ILE B 270 -3.80 -1.35 8.36
C ILE B 270 -4.54 -2.60 8.82
N ALA B 271 -4.96 -2.67 10.08
CA ALA B 271 -5.59 -3.89 10.66
C ALA B 271 -6.91 -4.16 9.93
N TYR B 272 -7.68 -3.13 9.64
CA TYR B 272 -9.01 -3.29 8.97
C TYR B 272 -8.80 -3.84 7.55
N ALA B 273 -7.88 -3.22 6.80
CA ALA B 273 -7.53 -3.66 5.42
C ALA B 273 -7.05 -5.11 5.46
N GLN B 274 -6.17 -5.46 6.40
CA GLN B 274 -5.63 -6.83 6.46
C GLN B 274 -6.76 -7.80 6.81
N ARG B 275 -7.68 -7.42 7.70
CA ARG B 275 -8.80 -8.32 8.08
C ARG B 275 -9.76 -8.47 6.89
N LEU B 276 -9.97 -7.42 6.11
CA LEU B 276 -10.78 -7.53 4.88
C LEU B 276 -10.15 -8.62 3.98
N MET B 277 -8.83 -8.54 3.79
CA MET B 277 -8.08 -9.49 2.93
C MET B 277 -8.24 -10.89 3.47
N GLN B 278 -8.16 -11.06 4.78
CA GLN B 278 -8.23 -12.41 5.40
C GLN B 278 -9.65 -12.96 5.33
N ALA B 279 -10.67 -12.11 5.14
CA ALA B 279 -12.06 -12.54 4.94
C ALA B 279 -12.38 -12.73 3.44
N GLY B 280 -11.39 -12.63 2.55
CA GLY B 280 -11.54 -12.87 1.10
C GLY B 280 -12.13 -11.67 0.37
N VAL B 281 -12.16 -10.50 0.98
CA VAL B 281 -12.61 -9.25 0.31
C VAL B 281 -11.44 -8.67 -0.47
N PRO B 282 -11.57 -8.47 -1.81
CA PRO B 282 -10.51 -7.86 -2.62
C PRO B 282 -10.22 -6.46 -2.08
N THR B 283 -8.97 -6.21 -1.67
CA THR B 283 -8.60 -4.97 -0.95
C THR B 283 -7.22 -4.54 -1.37
N GLU B 284 -7.11 -3.26 -1.73
CA GLU B 284 -5.82 -2.57 -1.94
C GLU B 284 -5.57 -1.69 -0.71
N LEU B 285 -4.37 -1.77 -0.17
CA LEU B 285 -3.94 -0.96 0.98
C LEU B 285 -2.68 -0.20 0.57
N HIS B 286 -2.70 1.12 0.74
CA HIS B 286 -1.50 1.95 0.46
C HIS B 286 -1.23 2.79 1.69
N VAL B 287 -0.11 2.49 2.36
CA VAL B 287 0.43 3.32 3.46
C VAL B 287 1.54 4.18 2.88
N PHE B 288 1.39 5.49 3.01
CA PHE B 288 2.36 6.50 2.49
C PHE B 288 3.31 6.91 3.62
N ALA B 289 4.59 6.94 3.28
CA ALA B 289 5.71 7.16 4.22
C ALA B 289 5.72 8.63 4.63
N GLY B 290 5.73 8.90 5.93
CA GLY B 290 5.90 10.26 6.49
C GLY B 290 4.70 11.16 6.22
N ALA B 291 3.53 10.58 5.95
CA ALA B 291 2.32 11.36 5.62
C ALA B 291 1.42 11.50 6.86
N PHE B 292 1.00 12.74 7.10
CA PHE B 292 0.11 13.13 8.21
C PHE B 292 -1.36 13.04 7.76
N HIS B 293 -2.27 13.16 8.72
CA HIS B 293 -3.74 13.10 8.53
C HIS B 293 -4.19 14.28 7.67
N GLY B 294 -4.77 14.00 6.51
CA GLY B 294 -5.28 15.02 5.59
C GLY B 294 -4.17 15.56 4.68
N PHE B 295 -3.04 14.86 4.55
CA PHE B 295 -1.89 15.31 3.73
C PHE B 295 -2.34 15.62 2.30
N ASP B 296 -3.25 14.82 1.77
CA ASP B 296 -3.70 14.85 0.36
C ASP B 296 -4.42 16.18 0.07
N VAL B 297 -5.11 16.77 1.07
CA VAL B 297 -5.93 18.00 0.86
C VAL B 297 -5.20 19.20 1.49
N PHE B 298 -4.40 19.02 2.54
CA PHE B 298 -3.68 20.16 3.19
C PHE B 298 -2.37 20.45 2.46
N ALA B 299 -1.84 19.53 1.64
CA ALA B 299 -0.52 19.71 0.99
C ALA B 299 -0.56 19.07 -0.39
N PRO B 300 -1.50 19.53 -1.25
CA PRO B 300 -1.81 18.83 -2.50
C PRO B 300 -0.68 18.88 -3.55
N THR B 301 0.30 19.77 -3.38
CA THR B 301 1.42 19.94 -4.35
C THR B 301 2.60 19.03 -4.00
N ALA B 302 2.68 18.51 -2.77
CA ALA B 302 3.70 17.51 -2.35
C ALA B 302 3.69 16.32 -3.32
N TRP B 303 4.88 15.82 -3.63
CA TRP B 303 5.06 14.62 -4.49
C TRP B 303 4.18 13.49 -3.94
N VAL B 304 4.22 13.21 -2.64
CA VAL B 304 3.45 12.07 -2.07
C VAL B 304 1.93 12.33 -2.19
N SER B 305 1.47 13.57 -1.99
CA SER B 305 0.03 13.92 -2.12
C SER B 305 -0.46 13.71 -3.56
N GLN B 306 0.36 14.11 -4.54
CA GLN B 306 0.03 13.96 -5.97
C GLN B 306 -0.11 12.46 -6.29
N ARG B 307 0.80 11.64 -5.77
CA ARG B 307 0.73 10.17 -5.94
C ARG B 307 -0.59 9.66 -5.35
N ALA B 308 -0.97 10.11 -4.15
CA ALA B 308 -2.19 9.65 -3.45
C ALA B 308 -3.43 10.02 -4.28
N ASN B 309 -3.53 11.29 -4.69
CA ASN B 309 -4.70 11.84 -5.43
C ASN B 309 -4.79 11.17 -6.80
N ALA B 310 -3.67 10.97 -7.49
CA ALA B 310 -3.66 10.27 -8.80
C ALA B 310 -4.15 8.83 -8.60
N GLU B 311 -3.73 8.19 -7.52
CA GLU B 311 -4.10 6.76 -7.29
C GLU B 311 -5.60 6.65 -6.96
N VAL B 312 -6.12 7.48 -6.09
CA VAL B 312 -7.57 7.44 -5.73
C VAL B 312 -8.40 7.55 -7.03
N LEU B 313 -8.05 8.48 -7.91
CA LEU B 313 -8.74 8.66 -9.22
C LEU B 313 -8.62 7.38 -10.05
N ALA B 314 -7.42 6.80 -10.15
CA ALA B 314 -7.17 5.63 -11.02
C ALA B 314 -7.97 4.42 -10.51
N VAL B 315 -8.06 4.24 -9.20
CA VAL B 315 -8.76 3.02 -8.69
C VAL B 315 -10.27 3.22 -8.84
N LEU B 316 -10.76 4.43 -8.68
CA LEU B 316 -12.22 4.74 -8.86
C LEU B 316 -12.59 4.59 -10.35
N GLN B 317 -11.73 5.06 -11.27
CA GLN B 317 -11.94 4.87 -12.73
C GLN B 317 -12.09 3.40 -13.05
N ARG B 318 -11.16 2.59 -12.53
CA ARG B 318 -11.13 1.13 -12.80
C ARG B 318 -12.36 0.46 -12.18
N ALA B 319 -12.69 0.79 -10.93
CA ALA B 319 -13.80 0.13 -10.19
C ALA B 319 -15.15 0.46 -10.84
N LEU B 320 -15.32 1.68 -11.37
CA LEU B 320 -16.65 2.19 -11.79
C LEU B 320 -16.81 2.12 -13.32
N LYS B 321 -15.81 1.58 -14.01
CA LYS B 321 -15.71 1.42 -15.49
C LYS B 321 -16.76 0.42 -15.96
N LEU B 322 -17.39 0.66 -17.11
CA LEU B 322 -18.37 -0.30 -17.70
C LEU B 322 -17.61 -1.55 -18.12
N ALA B 323 -18.22 -2.75 -17.98
CA ALA B 323 -17.65 -4.07 -18.36
C ALA B 323 -17.60 -4.20 -19.89
#